data_6JHT
#
_entry.id   6JHT
#
_cell.length_a   1
_cell.length_b   1
_cell.length_c   1
_cell.angle_alpha   90.00
_cell.angle_beta   90.00
_cell.angle_gamma   90.00
#
_symmetry.space_group_name_H-M   'P 1'
#
loop_
_entity.id
_entity.type
_entity.pdbx_description
1 polymer VP1
2 polymer VP2
3 polymer VP3
4 polymer 'FAB Light Chain'
5 polymer 'FAB Heavy Chain'
#
loop_
_entity_poly.entity_id
_entity_poly.type
_entity_poly.pdbx_seq_one_letter_code
_entity_poly.pdbx_strand_id
1 'polypeptide(L)'
;VGDDSGGFSTTVSTEQNVPDPQVGITTMRDLKGKANRGKMDVSGVQAPVGAITTIEDPVLAKKVPETFPELKPGESRHTS
DHMSIYKFMGRSHFLCTFTFNSNNKEYTFPITLSSTSNPPHGLPSTLRWFFNLFQLYRGPLDLTIIITGATDVDGMAWFT
PVGLAVDTPWVEKESALQIDYKTALGAVRFNTRRTGNIQIRLPWYSYLYAVSGALDGLGDKTDSTFGLVSIQIANYNHSD
EYLSFSCYLSVTEQSEFYFPRAPLNSNAMLSTESMMSR
;
A
2 'polypeptide(L)'
;DIEEEQMIQSVDRTAVTGASYFTSVDQSSVHTAEVGSHQIEPLKTSVDKPGSKKTQGEKFFLIHSARWLTTHALFHEVAK
LDVVKLLYNEQFAVQGLLRYHTYARFGIEIQVQINPTPFQQGGLICAMVPGDQSYGSIASLTVYPHGLLNCNINNVVRIK
VPFIYTRGAYHFKDPQYPVWELTIRVWSELNIGTGTSAYTSLNVLARFTDLELHGLTPLSTQ
;
B
3 'polypeptide(L)'
;MMRNETRVSTTENVVNLSNYEDARAKMSFALDQEDWKSDPSQGGGIKITHFTTWTSIPTLAAQFPFNASDSVGQQIKVIP
VDPYFFQMTNTNPDQKCITALASICQMFCFWRGDLVFDFQVFPTKYHSGRLLFCFVPGNELIDVTGITLKQATTAPCAVM
DIAGVQSTLRFRVPWISDTPYRVNRYTKEAHQKGEYTAIGKLIVYCYNRLTSPSNVAHHVRVNVYLSAINLECFAPLYHA
MDVTTQ
;
C
4 'polypeptide(L)'
;DIVLTQSPAIMSASPGEKVTMTCSATSGLSYIHWYQQKSGTSPKRWIYDTSKLAFGAPARFSGSGSGTSYSLTISSMEAE
DAATYYCQQWDVNPYTFGGGTKLEIKRADAAPTVSIFPPSSEQLTSGGASVVCFLNNFYPKDINVKWKIDGSERQNGVLN
SWTDQDSKDSTYSMSSTLTLTKDEYERHNSYTCEATHKTSTSPIVKSFNRNEC
;
D
5 'polypeptide(L)'
;EVKLVESGGGLVKPGGSLKLSCAASAFTITTYGMSWVRQTPEKRLEWVATITAGGSYTYYPDSVKGRFTISRDNAKNTLY
LQMSSLRSGDTAMYYCARKVTSVAEYYFDYWGQGTTLTVSSPKTTPPSVYPLAPASASTAASMVTLGCLVKGYFPEPVTV
TWNSGSLSSGVHTFPAVLQSDLYTLSSSVTVPSSTWPSETVTCNVAHPASSTKVDKKIVPR
;
E
#
# COMPACT_ATOMS: atom_id res chain seq x y z
N ASP A 3 -7.32 -21.15 39.70
CA ASP A 3 -6.09 -21.07 38.94
C ASP A 3 -4.90 -21.42 39.85
N ASP A 4 -3.93 -22.15 39.28
CA ASP A 4 -2.80 -22.64 40.08
C ASP A 4 -1.84 -21.51 40.42
N SER A 5 -1.89 -20.41 39.67
CA SER A 5 -0.90 -19.35 39.82
C SER A 5 -1.35 -18.23 40.75
N GLY A 6 -2.60 -17.81 40.68
CA GLY A 6 -3.09 -16.73 41.50
C GLY A 6 -3.18 -15.38 40.82
N GLY A 7 -3.23 -15.33 39.49
CA GLY A 7 -3.47 -14.08 38.80
C GLY A 7 -4.94 -13.87 38.50
N PHE A 8 -5.61 -13.08 39.32
CA PHE A 8 -7.06 -12.89 39.23
C PHE A 8 -7.39 -11.71 38.34
N SER A 9 -8.57 -11.77 37.72
CA SER A 9 -9.03 -10.74 36.80
C SER A 9 -10.52 -10.52 36.99
N THR A 10 -10.99 -9.35 36.55
CA THR A 10 -12.40 -9.01 36.64
C THR A 10 -13.24 -9.60 35.52
N THR A 11 -12.62 -9.96 34.39
CA THR A 11 -13.31 -10.58 33.27
C THR A 11 -12.82 -12.02 33.12
N VAL A 12 -13.35 -12.72 32.12
CA VAL A 12 -13.02 -14.11 31.87
C VAL A 12 -12.38 -14.21 30.49
N SER A 13 -11.19 -14.81 30.44
CA SER A 13 -10.53 -15.08 29.17
C SER A 13 -10.94 -16.46 28.67
N THR A 14 -11.46 -16.51 27.45
CA THR A 14 -11.96 -17.73 26.85
C THR A 14 -10.88 -18.38 26.00
N GLU A 15 -11.23 -19.48 25.35
CA GLU A 15 -10.26 -20.24 24.56
C GLU A 15 -10.09 -19.62 23.17
N GLN A 16 -8.95 -18.98 22.94
CA GLN A 16 -8.73 -18.24 21.69
C GLN A 16 -7.96 -19.08 20.69
N ASN A 17 -8.30 -18.91 19.41
CA ASN A 17 -7.64 -19.54 18.25
C ASN A 17 -7.71 -21.07 18.34
N VAL A 18 -8.95 -21.56 18.25
CA VAL A 18 -9.29 -22.97 18.37
C VAL A 18 -8.72 -23.75 17.20
N PRO A 19 -7.95 -24.83 17.44
CA PRO A 19 -7.35 -25.57 16.32
C PRO A 19 -8.37 -26.38 15.54
N ASP A 20 -8.20 -26.34 14.21
CA ASP A 20 -8.99 -27.04 13.20
C ASP A 20 -10.48 -26.77 13.35
N PRO A 21 -10.96 -25.56 13.01
CA PRO A 21 -12.37 -25.24 13.23
C PRO A 21 -13.33 -25.92 12.29
N GLN A 22 -12.85 -26.42 11.15
CA GLN A 22 -13.74 -26.88 10.08
C GLN A 22 -12.99 -27.88 9.22
N VAL A 23 -13.71 -28.92 8.79
CA VAL A 23 -13.27 -29.81 7.73
C VAL A 23 -13.73 -29.21 6.42
N GLY A 24 -12.82 -29.13 5.44
CA GLY A 24 -12.96 -28.31 4.26
C GLY A 24 -13.81 -28.92 3.16
N ILE A 25 -14.40 -30.09 3.40
CA ILE A 25 -15.40 -30.60 2.49
C ILE A 25 -16.65 -29.71 2.58
N THR A 26 -17.23 -29.41 1.43
CA THR A 26 -18.43 -28.60 1.35
C THR A 26 -19.61 -29.56 1.29
N THR A 27 -20.26 -29.76 2.44
CA THR A 27 -21.30 -30.77 2.57
C THR A 27 -22.25 -30.35 3.68
N MET A 28 -23.28 -31.17 3.89
CA MET A 28 -24.27 -30.94 4.93
C MET A 28 -23.89 -31.73 6.17
N ARG A 29 -23.79 -31.05 7.30
CA ARG A 29 -23.42 -31.70 8.57
C ARG A 29 -24.18 -31.09 9.73
N MET A 40 -32.74 -25.55 4.30
CA MET A 40 -33.33 -24.26 4.64
C MET A 40 -32.32 -23.15 4.44
N ASP A 41 -32.40 -22.11 5.28
CA ASP A 41 -31.54 -20.95 5.13
C ASP A 41 -30.49 -20.88 6.23
N VAL A 42 -29.26 -20.55 5.85
CA VAL A 42 -28.22 -20.27 6.84
C VAL A 42 -28.50 -18.93 7.52
N SER A 43 -28.72 -17.90 6.71
CA SER A 43 -29.25 -16.63 7.19
C SER A 43 -30.46 -16.28 6.33
N GLY A 44 -31.25 -15.33 6.82
CA GLY A 44 -32.56 -15.12 6.22
C GLY A 44 -33.42 -14.16 7.02
N VAL A 45 -34.62 -14.61 7.37
CA VAL A 45 -35.54 -13.82 8.19
C VAL A 45 -34.93 -13.54 9.55
N GLN A 46 -34.13 -14.48 10.07
CA GLN A 46 -33.31 -14.22 11.24
C GLN A 46 -32.23 -13.18 10.91
N ALA A 47 -32.10 -12.19 11.80
CA ALA A 47 -31.23 -11.05 11.54
C ALA A 47 -29.76 -11.45 11.70
N PRO A 48 -28.87 -10.88 10.88
CA PRO A 48 -27.43 -11.15 11.04
C PRO A 48 -26.84 -10.48 12.28
N VAL A 49 -26.41 -11.30 13.25
CA VAL A 49 -25.79 -10.76 14.45
C VAL A 49 -24.28 -10.61 14.23
N GLY A 50 -23.70 -11.40 13.32
CA GLY A 50 -22.28 -11.30 13.04
C GLY A 50 -21.97 -10.34 11.92
N ALA A 51 -22.94 -9.52 11.53
CA ALA A 51 -22.68 -8.47 10.55
C ALA A 51 -21.81 -7.38 11.15
N ILE A 52 -22.20 -6.85 12.30
CA ILE A 52 -21.40 -5.89 13.03
C ILE A 52 -20.93 -6.54 14.34
N THR A 53 -19.70 -6.23 14.74
CA THR A 53 -19.07 -6.84 15.90
C THR A 53 -17.91 -5.98 16.35
N THR A 54 -17.19 -6.46 17.37
CA THR A 54 -15.98 -5.81 17.88
C THR A 54 -14.84 -6.82 17.80
N ILE A 55 -13.74 -6.44 17.14
CA ILE A 55 -12.67 -7.41 16.87
C ILE A 55 -11.54 -7.29 17.89
N GLU A 56 -11.50 -6.22 18.68
CA GLU A 56 -10.46 -6.08 19.69
C GLU A 56 -10.71 -7.04 20.85
N ASP A 57 -11.97 -7.33 21.14
CA ASP A 57 -12.31 -8.36 22.10
C ASP A 57 -12.33 -9.71 21.39
N PRO A 58 -11.49 -10.66 21.78
CA PRO A 58 -11.57 -12.00 21.16
C PRO A 58 -12.78 -12.81 21.58
N VAL A 59 -13.54 -12.38 22.60
CA VAL A 59 -14.77 -13.07 22.97
C VAL A 59 -15.87 -12.78 21.95
N LEU A 60 -16.04 -11.50 21.59
CA LEU A 60 -17.01 -11.13 20.56
C LEU A 60 -16.48 -11.32 19.15
N ALA A 61 -15.20 -11.66 19.01
CA ALA A 61 -14.68 -12.03 17.70
C ALA A 61 -15.04 -13.46 17.31
N LYS A 62 -15.58 -14.25 18.26
CA LYS A 62 -16.00 -15.63 18.03
C LYS A 62 -17.38 -15.73 17.41
N LYS A 63 -17.97 -14.60 17.01
CA LYS A 63 -19.32 -14.59 16.49
C LYS A 63 -19.33 -15.12 15.06
N VAL A 64 -20.44 -15.77 14.69
CA VAL A 64 -20.56 -16.43 13.38
C VAL A 64 -20.60 -15.37 12.28
N PRO A 65 -19.80 -15.51 11.21
CA PRO A 65 -19.81 -14.48 10.16
C PRO A 65 -20.92 -14.66 9.14
N GLU A 66 -21.74 -13.62 9.01
CA GLU A 66 -22.68 -13.49 7.91
C GLU A 66 -23.01 -12.02 7.70
N THR A 67 -23.39 -11.68 6.47
CA THR A 67 -23.99 -10.39 6.19
C THR A 67 -25.19 -10.45 5.24
N PHE A 68 -25.42 -11.56 4.56
CA PHE A 68 -26.46 -11.73 3.56
C PHE A 68 -27.37 -12.90 3.94
N PRO A 69 -28.65 -12.83 3.57
CA PRO A 69 -29.53 -14.01 3.71
C PRO A 69 -29.12 -15.11 2.76
N GLU A 70 -28.67 -16.24 3.29
CA GLU A 70 -28.06 -17.28 2.47
C GLU A 70 -28.75 -18.63 2.61
N LEU A 71 -28.19 -19.63 1.94
CA LEU A 71 -28.57 -21.04 2.11
C LEU A 71 -27.36 -21.88 1.74
N LYS A 72 -27.56 -23.19 1.69
CA LYS A 72 -26.44 -24.11 1.56
C LYS A 72 -25.94 -24.15 0.11
N PRO A 73 -24.61 -24.08 -0.12
CA PRO A 73 -24.06 -24.33 -1.46
C PRO A 73 -24.30 -25.76 -1.94
N GLY A 74 -24.18 -26.75 -1.06
CA GLY A 74 -24.51 -28.10 -1.39
C GLY A 74 -23.35 -29.04 -1.12
N GLU A 75 -23.50 -30.28 -1.60
CA GLU A 75 -22.48 -31.31 -1.41
C GLU A 75 -21.47 -31.25 -2.55
N SER A 76 -20.20 -31.44 -2.21
CA SER A 76 -19.12 -31.40 -3.20
C SER A 76 -19.13 -32.65 -4.06
N ARG A 77 -18.55 -32.52 -5.26
CA ARG A 77 -18.58 -33.59 -6.25
C ARG A 77 -17.21 -34.16 -6.60
N HIS A 78 -16.33 -34.32 -5.62
CA HIS A 78 -15.17 -35.20 -5.74
C HIS A 78 -15.14 -36.12 -4.52
N THR A 79 -14.88 -37.41 -4.76
CA THR A 79 -14.97 -38.41 -3.71
C THR A 79 -13.81 -38.28 -2.71
N SER A 80 -12.61 -37.97 -3.21
CA SER A 80 -11.46 -37.79 -2.34
C SER A 80 -11.52 -36.48 -1.58
N ASP A 81 -10.59 -36.29 -0.65
CA ASP A 81 -10.54 -35.09 0.16
C ASP A 81 -9.15 -34.47 0.04
N HIS A 82 -9.11 -33.17 -0.24
CA HIS A 82 -7.86 -32.45 -0.44
C HIS A 82 -7.75 -31.25 0.49
N MET A 83 -8.06 -31.45 1.77
CA MET A 83 -7.91 -30.40 2.77
C MET A 83 -7.23 -30.86 4.06
N SER A 84 -6.59 -32.01 4.08
CA SER A 84 -5.77 -32.41 5.21
C SER A 84 -4.33 -32.67 4.76
N ILE A 85 -3.39 -32.46 5.68
CA ILE A 85 -1.96 -32.58 5.38
C ILE A 85 -1.60 -34.05 5.11
N TYR A 86 -2.35 -34.98 5.71
CA TYR A 86 -2.10 -36.40 5.53
C TYR A 86 -2.37 -36.84 4.09
N LYS A 87 -3.20 -36.09 3.37
CA LYS A 87 -3.46 -36.39 1.96
C LYS A 87 -3.15 -35.22 1.02
N PHE A 88 -2.44 -34.20 1.49
CA PHE A 88 -1.95 -33.11 0.64
C PHE A 88 -0.44 -33.20 0.44
N MET A 89 0.33 -33.32 1.52
CA MET A 89 1.77 -33.55 1.44
C MET A 89 2.12 -35.02 1.28
N GLY A 90 1.11 -35.89 1.11
CA GLY A 90 1.39 -37.28 0.77
C GLY A 90 1.99 -37.43 -0.61
N ARG A 91 1.59 -36.57 -1.55
CA ARG A 91 2.28 -36.48 -2.83
C ARG A 91 3.66 -35.88 -2.61
N SER A 92 4.69 -36.60 -3.04
CA SER A 92 6.06 -36.27 -2.65
C SER A 92 6.59 -35.09 -3.45
N HIS A 93 7.57 -34.40 -2.86
CA HIS A 93 8.16 -33.20 -3.46
C HIS A 93 9.68 -33.29 -3.41
N PHE A 94 10.32 -32.31 -4.04
CA PHE A 94 11.76 -32.32 -4.25
C PHE A 94 12.52 -31.97 -2.98
N LEU A 95 13.70 -32.58 -2.81
CA LEU A 95 14.63 -32.20 -1.76
C LEU A 95 15.99 -31.78 -2.30
N CYS A 96 16.66 -32.64 -3.08
CA CYS A 96 18.01 -32.37 -3.58
C CYS A 96 18.32 -33.34 -4.70
N THR A 97 19.41 -33.05 -5.42
CA THR A 97 19.93 -33.94 -6.45
C THR A 97 21.44 -33.72 -6.55
N PHE A 98 22.14 -34.75 -7.01
CA PHE A 98 23.60 -34.72 -7.04
C PHE A 98 24.11 -35.70 -8.09
N THR A 99 25.38 -35.49 -8.50
CA THR A 99 26.02 -36.30 -9.52
C THR A 99 27.29 -36.95 -8.99
N PHE A 100 28.07 -37.57 -9.88
CA PHE A 100 29.30 -38.25 -9.49
C PHE A 100 30.43 -37.87 -10.44
N ASN A 101 31.65 -37.95 -9.94
CA ASN A 101 32.82 -37.52 -10.71
C ASN A 101 33.85 -38.63 -10.83
N SER A 102 34.09 -39.38 -9.76
CA SER A 102 35.16 -40.38 -9.75
C SER A 102 34.70 -41.59 -8.94
N ASN A 103 35.63 -42.52 -8.72
CA ASN A 103 35.32 -43.80 -8.11
C ASN A 103 35.17 -43.65 -6.61
N ASN A 104 34.12 -44.26 -6.06
CA ASN A 104 33.82 -44.34 -4.62
C ASN A 104 33.75 -42.97 -3.96
N LYS A 105 33.20 -41.99 -4.66
CA LYS A 105 32.94 -40.67 -4.09
C LYS A 105 31.65 -40.75 -3.30
N GLU A 106 31.77 -41.06 -2.00
CA GLU A 106 30.63 -41.13 -1.11
C GLU A 106 30.02 -39.75 -0.91
N TYR A 107 28.72 -39.64 -1.14
CA TYR A 107 28.00 -38.40 -1.00
C TYR A 107 27.26 -38.40 0.33
N THR A 108 27.19 -37.23 0.97
CA THR A 108 26.55 -37.07 2.26
C THR A 108 25.77 -35.76 2.26
N PHE A 109 24.44 -35.84 2.43
CA PHE A 109 23.66 -34.64 2.58
C PHE A 109 22.80 -34.77 3.83
N PRO A 110 22.69 -33.72 4.62
CA PRO A 110 21.72 -33.71 5.73
C PRO A 110 20.37 -33.13 5.29
N ILE A 111 19.40 -33.27 6.19
CA ILE A 111 18.09 -32.65 6.03
C ILE A 111 17.97 -31.56 7.08
N THR A 112 18.01 -30.30 6.66
CA THR A 112 17.93 -29.16 7.57
C THR A 112 16.63 -28.42 7.31
N LEU A 113 15.81 -28.29 8.34
CA LEU A 113 14.48 -27.70 8.19
C LEU A 113 14.50 -26.18 8.27
N SER A 114 15.68 -25.56 8.33
CA SER A 114 15.79 -24.12 8.47
C SER A 114 15.43 -23.41 7.18
N SER A 115 14.95 -22.17 7.30
CA SER A 115 14.72 -21.32 6.16
C SER A 115 15.93 -20.43 5.84
N THR A 116 16.92 -20.39 6.73
CA THR A 116 18.15 -19.64 6.46
C THR A 116 18.99 -20.33 5.39
N SER A 117 19.00 -21.66 5.42
CA SER A 117 19.71 -22.44 4.41
C SER A 117 19.00 -22.36 3.07
N ASN A 118 19.46 -21.47 2.20
CA ASN A 118 18.83 -21.29 0.90
C ASN A 118 19.13 -22.48 -0.01
N PRO A 119 18.20 -22.86 -0.89
CA PRO A 119 18.44 -23.98 -1.80
C PRO A 119 19.49 -23.62 -2.84
N PRO A 120 20.18 -24.61 -3.43
CA PRO A 120 20.13 -26.08 -3.31
C PRO A 120 20.64 -26.66 -1.99
N HIS A 121 21.37 -25.85 -1.22
CA HIS A 121 21.94 -26.30 0.06
C HIS A 121 20.97 -25.93 1.18
N GLY A 122 19.84 -26.62 1.19
CA GLY A 122 18.82 -26.37 2.17
C GLY A 122 17.47 -26.95 1.72
N LEU A 123 16.44 -26.12 1.78
CA LEU A 123 15.09 -26.55 1.46
C LEU A 123 14.65 -25.97 0.13
N PRO A 124 14.27 -26.79 -0.83
CA PRO A 124 13.69 -26.27 -2.09
C PRO A 124 12.21 -26.00 -1.99
N SER A 125 11.58 -25.75 -3.17
CA SER A 125 10.31 -25.06 -3.37
C SER A 125 9.18 -25.39 -2.39
N THR A 126 8.70 -26.63 -2.41
CA THR A 126 7.52 -26.96 -1.61
C THR A 126 7.88 -27.20 -0.14
N LEU A 127 9.03 -27.83 0.11
CA LEU A 127 9.39 -28.16 1.49
C LEU A 127 9.89 -26.94 2.25
N ARG A 128 10.32 -25.89 1.54
CA ARG A 128 10.73 -24.68 2.26
C ARG A 128 9.52 -23.97 2.83
N TRP A 129 8.42 -23.90 2.06
CA TRP A 129 7.19 -23.31 2.59
C TRP A 129 6.55 -24.21 3.64
N PHE A 130 6.60 -25.54 3.44
CA PHE A 130 5.90 -26.44 4.36
C PHE A 130 6.63 -26.59 5.69
N PHE A 131 7.96 -26.57 5.70
CA PHE A 131 8.71 -26.69 6.95
C PHE A 131 8.93 -25.35 7.65
N ASN A 132 8.06 -24.36 7.40
CA ASN A 132 8.02 -23.12 8.18
C ASN A 132 6.60 -22.67 8.48
N LEU A 133 5.60 -23.54 8.25
CA LEU A 133 4.22 -23.27 8.60
C LEU A 133 3.88 -23.64 10.04
N PHE A 134 4.67 -24.54 10.65
CA PHE A 134 4.40 -25.03 11.99
C PHE A 134 5.68 -24.99 12.79
N GLN A 135 5.53 -24.87 14.11
CA GLN A 135 6.67 -24.57 14.96
C GLN A 135 7.54 -25.81 15.20
N LEU A 136 7.00 -26.84 15.84
CA LEU A 136 7.75 -28.02 16.21
C LEU A 136 7.37 -29.21 15.35
N TYR A 137 8.30 -30.15 15.20
CA TYR A 137 8.07 -31.34 14.40
C TYR A 137 8.66 -32.56 15.11
N ARG A 138 7.88 -33.64 15.18
CA ARG A 138 8.28 -34.85 15.87
C ARG A 138 7.65 -36.05 15.18
N GLY A 139 8.44 -36.75 14.35
CA GLY A 139 7.96 -37.90 13.63
C GLY A 139 8.75 -38.21 12.37
N PRO A 140 8.45 -39.35 11.75
CA PRO A 140 9.26 -39.81 10.61
C PRO A 140 8.86 -39.17 9.29
N LEU A 141 9.56 -39.56 8.24
CA LEU A 141 9.31 -39.10 6.88
C LEU A 141 9.47 -40.22 5.86
N ASP A 142 8.97 -39.97 4.66
CA ASP A 142 9.12 -40.91 3.54
C ASP A 142 10.20 -40.42 2.57
N LEU A 143 11.08 -41.33 2.17
CA LEU A 143 12.19 -41.04 1.27
C LEU A 143 12.11 -41.94 0.05
N THR A 144 11.99 -41.33 -1.13
CA THR A 144 11.98 -42.06 -2.39
C THR A 144 13.13 -41.57 -3.24
N ILE A 145 14.15 -42.41 -3.43
CA ILE A 145 15.29 -42.03 -4.26
C ILE A 145 15.15 -42.70 -5.62
N ILE A 146 15.70 -42.05 -6.64
CA ILE A 146 15.62 -42.51 -8.02
C ILE A 146 17.03 -42.52 -8.59
N ILE A 147 17.42 -43.65 -9.18
CA ILE A 147 18.74 -43.81 -9.79
C ILE A 147 18.58 -43.83 -11.30
N THR A 148 19.26 -42.91 -11.98
CA THR A 148 19.18 -42.79 -13.42
C THR A 148 20.57 -42.51 -13.98
N GLY A 149 20.96 -43.27 -15.00
CA GLY A 149 22.22 -43.00 -15.67
C GLY A 149 22.98 -44.21 -16.15
N ALA A 150 24.25 -44.31 -15.75
CA ALA A 150 25.13 -45.37 -16.20
C ALA A 150 24.76 -46.71 -15.55
N THR A 151 25.29 -47.78 -16.14
CA THR A 151 24.97 -49.14 -15.75
C THR A 151 26.18 -49.79 -15.07
N ASP A 152 25.91 -50.93 -14.40
CA ASP A 152 26.90 -51.73 -13.68
C ASP A 152 27.65 -50.91 -12.63
N VAL A 153 26.91 -50.27 -11.73
CA VAL A 153 27.46 -49.46 -10.66
C VAL A 153 26.92 -50.00 -9.34
N ASP A 154 27.82 -50.28 -8.40
CA ASP A 154 27.45 -50.79 -7.09
C ASP A 154 27.18 -49.61 -6.15
N GLY A 155 26.30 -49.82 -5.18
CA GLY A 155 25.93 -48.76 -4.27
C GLY A 155 25.43 -49.29 -2.94
N MET A 156 25.30 -48.37 -1.98
CA MET A 156 24.86 -48.69 -0.62
C MET A 156 24.35 -47.42 0.05
N ALA A 157 23.21 -47.51 0.74
CA ALA A 157 22.60 -46.39 1.44
C ALA A 157 22.40 -46.74 2.91
N TRP A 158 22.51 -45.74 3.78
CA TRP A 158 22.44 -46.00 5.22
C TRP A 158 21.97 -44.74 5.95
N PHE A 159 21.61 -44.92 7.22
CA PHE A 159 21.16 -43.83 8.06
C PHE A 159 22.21 -43.51 9.13
N THR A 160 22.28 -42.23 9.51
CA THR A 160 23.16 -41.81 10.60
C THR A 160 22.51 -40.67 11.39
N PRO A 161 22.23 -40.87 12.68
CA PRO A 161 21.58 -39.81 13.47
C PRO A 161 22.50 -38.64 13.79
N VAL A 162 21.95 -37.59 14.40
CA VAL A 162 22.75 -36.44 14.77
C VAL A 162 23.53 -36.73 16.04
N GLY A 163 24.58 -35.94 16.28
CA GLY A 163 25.42 -36.11 17.45
C GLY A 163 26.43 -37.24 17.35
N LEU A 164 26.77 -37.63 16.12
CA LEU A 164 27.77 -38.67 15.89
C LEU A 164 28.79 -38.15 14.88
N ALA A 165 29.85 -38.95 14.68
CA ALA A 165 30.85 -38.64 13.68
C ALA A 165 30.33 -39.04 12.30
N VAL A 166 30.39 -38.10 11.34
CA VAL A 166 29.93 -38.33 9.98
C VAL A 166 30.79 -37.44 9.09
N ASP A 167 30.73 -37.67 7.78
CA ASP A 167 31.53 -36.91 6.82
C ASP A 167 30.97 -35.49 6.64
N THR A 168 31.60 -34.74 5.74
CA THR A 168 31.25 -33.33 5.58
C THR A 168 29.92 -33.19 4.85
N PRO A 169 29.04 -32.30 5.34
CA PRO A 169 27.72 -32.14 4.70
C PRO A 169 27.81 -31.42 3.36
N TRP A 170 27.02 -31.90 2.41
CA TRP A 170 26.81 -31.37 1.05
C TRP A 170 28.10 -31.30 0.23
N VAL A 171 29.14 -32.06 0.58
CA VAL A 171 30.42 -32.05 -0.14
C VAL A 171 30.70 -33.49 -0.57
N GLU A 172 30.91 -33.69 -1.87
CA GLU A 172 31.22 -35.01 -2.39
C GLU A 172 32.72 -35.22 -2.37
N LYS A 173 33.19 -36.15 -1.53
CA LYS A 173 34.60 -36.47 -1.41
C LYS A 173 34.74 -37.96 -1.06
N GLU A 174 35.98 -38.39 -0.89
CA GLU A 174 36.23 -39.74 -0.39
C GLU A 174 35.81 -39.84 1.08
N SER A 175 35.12 -40.93 1.40
CA SER A 175 34.64 -41.13 2.76
C SER A 175 35.80 -41.48 3.69
N ALA A 176 35.89 -40.79 4.82
CA ALA A 176 36.85 -41.16 5.86
C ALA A 176 36.33 -42.27 6.75
N LEU A 177 35.06 -42.66 6.59
CA LEU A 177 34.48 -43.71 7.40
C LEU A 177 34.73 -45.09 6.76
N GLN A 178 34.36 -46.14 7.47
CA GLN A 178 34.70 -47.50 7.09
C GLN A 178 33.46 -48.37 7.00
N ILE A 179 33.63 -49.66 6.69
CA ILE A 179 32.48 -50.53 6.53
C ILE A 179 31.94 -51.01 7.87
N ASP A 180 32.71 -50.88 8.95
CA ASP A 180 32.23 -51.29 10.26
C ASP A 180 31.31 -50.23 10.87
N TYR A 181 31.64 -48.95 10.67
CA TYR A 181 30.81 -47.89 11.21
C TYR A 181 29.53 -47.69 10.40
N LYS A 182 29.58 -47.93 9.09
CA LYS A 182 28.42 -47.69 8.24
C LYS A 182 27.39 -48.81 8.37
N THR A 183 27.84 -50.07 8.43
CA THR A 183 26.92 -51.20 8.45
C THR A 183 26.36 -51.49 9.84
N ALA A 184 27.03 -51.05 10.90
CA ALA A 184 26.52 -51.30 12.24
C ALA A 184 25.33 -50.39 12.56
N LEU A 185 25.20 -49.27 11.85
CA LEU A 185 24.08 -48.36 12.10
C LEU A 185 22.80 -48.79 11.40
N GLY A 186 22.91 -49.53 10.30
CA GLY A 186 21.73 -49.92 9.54
C GLY A 186 21.80 -49.45 8.10
N ALA A 187 21.65 -50.39 7.16
CA ALA A 187 21.89 -50.08 5.76
C ALA A 187 21.15 -51.06 4.86
N VAL A 188 21.07 -50.70 3.58
CA VAL A 188 20.54 -51.59 2.54
C VAL A 188 21.63 -51.79 1.49
N ARG A 189 21.40 -52.79 0.63
CA ARG A 189 22.35 -53.11 -0.43
C ARG A 189 21.59 -53.46 -1.70
N PHE A 190 21.95 -52.82 -2.81
CA PHE A 190 21.26 -53.00 -4.08
C PHE A 190 22.25 -52.88 -5.24
N ASN A 191 21.71 -52.79 -6.45
CA ASN A 191 22.47 -52.63 -7.68
C ASN A 191 21.67 -51.74 -8.61
N THR A 192 22.36 -50.91 -9.39
CA THR A 192 21.70 -49.94 -10.25
C THR A 192 21.13 -50.56 -11.54
N ARG A 193 21.19 -51.88 -11.69
CA ARG A 193 20.63 -52.52 -12.87
C ARG A 193 19.33 -53.26 -12.54
N ARG A 194 19.18 -53.72 -11.30
CA ARG A 194 17.99 -54.50 -10.92
C ARG A 194 16.73 -53.64 -10.86
N THR A 195 16.69 -52.67 -9.97
CA THR A 195 15.46 -51.90 -9.73
C THR A 195 15.65 -50.40 -9.93
N GLY A 196 16.77 -49.83 -9.48
CA GLY A 196 17.06 -48.43 -9.73
C GLY A 196 16.26 -47.42 -8.92
N ASN A 197 15.49 -47.87 -7.93
CA ASN A 197 14.73 -46.96 -7.07
C ASN A 197 14.48 -47.62 -5.72
N ILE A 198 14.46 -46.79 -4.69
CA ILE A 198 14.27 -47.24 -3.32
C ILE A 198 13.25 -46.33 -2.64
N GLN A 199 12.19 -46.92 -2.09
CA GLN A 199 11.25 -46.22 -1.24
C GLN A 199 11.50 -46.68 0.19
N ILE A 200 11.97 -45.77 1.04
CA ILE A 200 12.47 -46.11 2.37
C ILE A 200 11.92 -45.09 3.37
N ARG A 201 11.60 -45.56 4.57
CA ARG A 201 11.21 -44.68 5.66
C ARG A 201 12.41 -43.91 6.19
N LEU A 202 12.14 -42.89 6.98
CA LEU A 202 13.17 -42.12 7.68
C LEU A 202 12.80 -42.08 9.15
N PRO A 203 13.27 -43.03 9.97
CA PRO A 203 12.78 -43.12 11.36
C PRO A 203 13.31 -42.00 12.23
N TRP A 204 12.61 -41.77 13.34
CA TRP A 204 12.94 -40.68 14.26
C TRP A 204 14.00 -41.16 15.24
N TYR A 205 15.26 -40.89 14.89
CA TYR A 205 16.39 -41.12 15.77
C TYR A 205 16.86 -39.74 16.25
N SER A 206 16.36 -39.32 17.41
CA SER A 206 16.71 -38.03 17.98
C SER A 206 16.64 -38.13 19.49
N TYR A 207 17.63 -37.52 20.17
CA TYR A 207 17.63 -37.52 21.63
C TYR A 207 16.76 -36.41 22.20
N LEU A 208 16.59 -35.32 21.46
CA LEU A 208 15.75 -34.21 21.89
C LEU A 208 14.27 -34.54 21.64
N TYR A 209 13.40 -33.65 22.09
CA TYR A 209 11.96 -33.90 22.03
C TYR A 209 11.44 -33.75 20.60
N ALA A 210 11.56 -32.54 20.04
CA ALA A 210 11.04 -32.23 18.72
C ALA A 210 11.93 -31.19 18.06
N VAL A 211 12.05 -31.28 16.73
CA VAL A 211 12.84 -30.32 15.97
C VAL A 211 11.96 -29.15 15.54
N SER A 212 12.56 -27.99 15.31
CA SER A 212 11.84 -26.80 14.90
C SER A 212 12.50 -26.21 13.67
N GLY A 213 11.68 -25.82 12.70
CA GLY A 213 12.17 -25.32 11.43
C GLY A 213 12.81 -23.95 11.49
N ALA A 214 12.02 -22.93 11.79
CA ALA A 214 12.48 -21.54 11.76
C ALA A 214 13.17 -21.19 13.07
N LEU A 215 14.49 -21.06 13.03
CA LEU A 215 15.29 -20.61 14.16
C LEU A 215 16.42 -19.73 13.65
N ASP A 216 17.04 -19.01 14.58
CA ASP A 216 18.22 -18.21 14.29
C ASP A 216 19.23 -18.40 15.43
N GLY A 217 20.44 -17.93 15.20
CA GLY A 217 21.50 -18.08 16.17
C GLY A 217 22.22 -19.41 16.03
N LEU A 218 22.80 -19.85 17.14
CA LEU A 218 23.49 -21.13 17.16
C LEU A 218 22.54 -22.30 17.36
N GLY A 219 21.29 -22.05 17.77
CA GLY A 219 20.32 -23.11 17.94
C GLY A 219 19.66 -23.57 16.66
N ASP A 220 19.82 -22.80 15.57
CA ASP A 220 19.24 -23.20 14.29
C ASP A 220 19.99 -24.35 13.65
N LYS A 221 21.30 -24.44 13.83
CA LYS A 221 22.09 -25.55 13.30
C LYS A 221 22.17 -26.72 14.27
N THR A 222 21.47 -26.65 15.39
CA THR A 222 21.50 -27.72 16.38
C THR A 222 20.11 -28.24 16.72
N ASP A 223 19.12 -27.37 16.86
CA ASP A 223 17.76 -27.77 17.25
C ASP A 223 16.82 -27.85 16.07
N SER A 224 17.31 -28.20 14.89
CA SER A 224 16.48 -28.36 13.70
C SER A 224 16.74 -29.67 12.97
N THR A 225 17.98 -30.14 12.94
CA THR A 225 18.30 -31.34 12.19
C THR A 225 17.89 -32.60 12.94
N PHE A 226 17.42 -33.60 12.18
CA PHE A 226 16.92 -34.84 12.76
C PHE A 226 17.37 -36.09 12.00
N GLY A 227 18.08 -35.94 10.89
CA GLY A 227 18.41 -37.11 10.10
C GLY A 227 19.46 -36.80 9.06
N LEU A 228 20.01 -37.87 8.48
CA LEU A 228 21.07 -37.75 7.48
C LEU A 228 21.03 -38.99 6.59
N VAL A 229 20.93 -38.78 5.28
CA VAL A 229 20.93 -39.85 4.29
C VAL A 229 22.22 -39.73 3.48
N SER A 230 22.97 -40.81 3.39
CA SER A 230 24.30 -40.77 2.78
C SER A 230 24.56 -42.04 1.98
N ILE A 231 25.17 -41.87 0.80
CA ILE A 231 25.28 -42.90 -0.22
C ILE A 231 26.74 -43.05 -0.62
N GLN A 232 27.23 -44.29 -0.68
CA GLN A 232 28.55 -44.60 -1.22
C GLN A 232 28.39 -45.47 -2.47
N ILE A 233 29.18 -45.19 -3.50
CA ILE A 233 29.08 -45.96 -4.74
C ILE A 233 30.34 -46.78 -4.98
N ALA A 234 30.28 -47.68 -5.95
CA ALA A 234 31.40 -48.54 -6.33
C ALA A 234 31.15 -49.02 -7.76
N ASN A 235 32.14 -49.73 -8.32
CA ASN A 235 32.16 -50.18 -9.72
C ASN A 235 31.95 -49.02 -10.68
N TYR A 236 32.68 -47.93 -10.45
CA TYR A 236 32.61 -46.71 -11.24
C TYR A 236 34.01 -46.41 -11.76
N ASN A 237 34.13 -46.12 -13.05
CA ASN A 237 33.03 -46.00 -13.99
C ASN A 237 33.15 -46.92 -15.20
N HIS A 238 32.17 -46.76 -16.09
CA HIS A 238 32.06 -47.37 -17.39
C HIS A 238 32.18 -46.27 -18.45
N SER A 239 31.85 -46.63 -19.71
CA SER A 239 31.84 -45.69 -20.82
C SER A 239 31.01 -44.45 -20.50
N ASP A 240 31.46 -43.30 -21.04
CA ASP A 240 31.13 -42.00 -20.48
C ASP A 240 29.64 -41.69 -20.55
N GLU A 241 29.02 -41.68 -19.38
CA GLU A 241 27.59 -41.49 -19.22
C GLU A 241 27.38 -40.91 -17.83
N TYR A 242 26.41 -39.99 -17.72
CA TYR A 242 26.15 -39.33 -16.45
C TYR A 242 25.54 -40.31 -15.45
N LEU A 243 25.64 -39.94 -14.17
CA LEU A 243 25.11 -40.76 -13.09
C LEU A 243 24.53 -39.81 -12.04
N SER A 244 23.23 -39.56 -12.12
CA SER A 244 22.55 -38.60 -11.28
C SER A 244 21.56 -39.31 -10.36
N PHE A 245 21.57 -38.94 -9.09
CA PHE A 245 20.60 -39.46 -8.13
C PHE A 245 19.62 -38.36 -7.74
N SER A 246 18.41 -38.78 -7.40
CA SER A 246 17.36 -37.87 -6.95
C SER A 246 16.95 -38.24 -5.54
N CYS A 247 16.43 -37.26 -4.81
CA CYS A 247 15.98 -37.46 -3.44
C CYS A 247 14.70 -36.66 -3.23
N TYR A 248 13.61 -37.37 -2.96
CA TYR A 248 12.31 -36.75 -2.72
C TYR A 248 11.87 -37.02 -1.28
N LEU A 249 10.99 -36.17 -0.77
CA LEU A 249 10.42 -36.37 0.55
C LEU A 249 8.88 -36.27 0.52
N SER A 250 8.27 -36.98 1.45
CA SER A 250 6.83 -36.90 1.69
C SER A 250 6.57 -37.23 3.15
N VAL A 251 5.48 -36.67 3.68
CA VAL A 251 5.17 -36.88 5.09
C VAL A 251 4.51 -38.24 5.28
N THR A 252 4.66 -38.81 6.48
CA THR A 252 4.04 -40.07 6.84
C THR A 252 2.93 -39.82 7.86
N GLU A 253 2.11 -40.85 8.09
CA GLU A 253 0.98 -40.72 9.00
C GLU A 253 1.35 -40.90 10.47
N GLN A 254 2.64 -40.95 10.81
CA GLN A 254 3.03 -41.15 12.19
C GLN A 254 3.43 -39.85 12.89
N SER A 255 3.57 -38.75 12.16
CA SER A 255 4.01 -37.50 12.73
C SER A 255 2.83 -36.61 13.11
N GLU A 256 3.10 -35.57 13.89
CA GLU A 256 2.08 -34.58 14.25
C GLU A 256 2.55 -33.16 13.96
N PHE A 257 1.74 -32.16 14.33
CA PHE A 257 2.04 -30.76 14.04
C PHE A 257 1.67 -29.93 15.26
N TYR A 258 2.34 -28.79 15.41
CA TYR A 258 2.20 -27.98 16.62
C TYR A 258 2.31 -26.50 16.28
N PHE A 259 1.43 -25.69 16.92
CA PHE A 259 1.44 -24.23 16.99
C PHE A 259 1.48 -23.54 15.62
N PRO A 260 0.32 -23.32 14.98
CA PRO A 260 0.29 -22.81 13.60
C PRO A 260 0.95 -21.44 13.44
N ARG A 261 1.93 -21.39 12.54
CA ARG A 261 2.79 -20.24 12.34
C ARG A 261 2.37 -19.49 11.07
N ALA A 262 2.66 -18.20 11.06
CA ALA A 262 2.45 -17.38 9.87
C ALA A 262 3.31 -17.89 8.72
N PRO A 263 2.79 -17.91 7.49
CA PRO A 263 3.53 -18.52 6.37
C PRO A 263 4.70 -17.71 5.90
N LEU A 264 5.45 -18.24 4.94
CA LEU A 264 6.61 -17.53 4.40
C LEU A 264 6.17 -16.41 3.49
N ASN A 265 6.89 -15.30 3.57
CA ASN A 265 6.71 -14.17 2.68
C ASN A 265 7.08 -14.53 1.24
N SER A 266 6.80 -13.59 0.33
CA SER A 266 6.99 -13.86 -1.10
C SER A 266 8.46 -13.82 -1.52
N ASN A 267 9.37 -13.34 -0.68
CA ASN A 267 10.79 -13.29 -0.99
C ASN A 267 11.54 -14.54 -0.54
N ALA A 268 10.85 -15.51 0.03
CA ALA A 268 11.47 -16.74 0.50
C ALA A 268 11.00 -17.98 -0.26
N MET A 269 9.84 -17.94 -0.90
CA MET A 269 9.34 -19.09 -1.63
C MET A 269 10.08 -19.20 -2.96
N LEU A 270 11.24 -19.86 -2.94
CA LEU A 270 12.11 -19.98 -4.10
C LEU A 270 12.33 -21.46 -4.42
N SER A 271 12.66 -21.72 -5.68
CA SER A 271 12.87 -23.07 -6.17
C SER A 271 14.29 -23.23 -6.70
N THR A 272 14.68 -24.48 -6.91
CA THR A 272 16.01 -24.78 -7.46
C THR A 272 16.02 -24.66 -8.98
N GLU B 5 15.18 -62.63 82.85
CA GLU B 5 16.18 -62.17 81.90
C GLU B 5 16.01 -60.69 81.59
N GLN B 6 17.04 -59.90 81.86
CA GLN B 6 17.04 -58.48 81.61
C GLN B 6 18.05 -58.14 80.52
N MET B 7 17.73 -57.12 79.74
CA MET B 7 18.58 -56.69 78.63
C MET B 7 18.62 -55.17 78.58
N ILE B 8 19.82 -54.60 78.66
CA ILE B 8 20.01 -53.17 78.56
C ILE B 8 20.21 -52.84 77.08
N GLN B 9 19.27 -52.12 76.49
CA GLN B 9 19.39 -51.72 75.10
C GLN B 9 20.42 -50.59 74.97
N SER B 10 21.09 -50.56 73.82
CA SER B 10 22.15 -49.61 73.55
C SER B 10 21.75 -48.72 72.38
N VAL B 11 22.67 -47.85 72.00
CA VAL B 11 22.39 -46.89 70.94
C VAL B 11 22.57 -47.56 69.58
N ASP B 12 21.69 -47.21 68.64
CA ASP B 12 21.81 -47.72 67.28
C ASP B 12 22.96 -47.02 66.57
N ARG B 13 23.65 -47.77 65.70
CA ARG B 13 24.81 -47.22 65.00
C ARG B 13 24.42 -46.59 63.67
N THR B 14 23.50 -47.22 62.93
CA THR B 14 23.11 -46.73 61.62
C THR B 14 21.88 -45.84 61.72
N ALA B 15 21.90 -44.74 60.97
CA ALA B 15 20.80 -43.78 60.99
C ALA B 15 20.70 -43.10 59.64
N VAL B 16 19.48 -43.01 59.11
CA VAL B 16 19.21 -42.40 57.82
C VAL B 16 18.32 -41.20 58.09
N THR B 17 18.92 -40.01 58.20
CA THR B 17 18.19 -38.79 58.51
C THR B 17 18.52 -37.70 57.49
N GLY B 18 18.03 -36.49 57.74
CA GLY B 18 18.44 -35.34 56.94
C GLY B 18 17.33 -34.49 56.37
N ALA B 19 17.51 -34.09 55.11
CA ALA B 19 16.61 -33.22 54.38
C ALA B 19 16.14 -33.93 53.11
N SER B 20 15.51 -33.17 52.21
CA SER B 20 14.96 -33.72 50.97
C SER B 20 16.06 -34.22 50.04
N TYR B 21 16.99 -33.34 49.65
CA TYR B 21 18.09 -33.71 48.76
C TYR B 21 19.40 -34.02 49.49
N PHE B 22 19.73 -33.27 50.54
CA PHE B 22 20.93 -33.53 51.32
C PHE B 22 20.74 -34.79 52.15
N THR B 23 21.49 -35.85 51.81
CA THR B 23 21.29 -37.18 52.39
C THR B 23 22.58 -37.63 53.06
N SER B 24 22.48 -38.01 54.34
CA SER B 24 23.65 -38.44 55.12
C SER B 24 23.30 -39.74 55.85
N VAL B 25 24.26 -40.66 55.89
CA VAL B 25 24.15 -41.92 56.63
C VAL B 25 25.38 -42.01 57.52
N ASP B 26 25.16 -42.17 58.83
CA ASP B 26 26.24 -42.15 59.81
C ASP B 26 26.49 -43.54 60.37
N GLN B 27 27.76 -43.81 60.70
CA GLN B 27 28.14 -45.04 61.38
C GLN B 27 28.09 -44.91 62.89
N SER B 28 28.31 -43.70 63.43
CA SER B 28 28.25 -43.45 64.87
C SER B 28 27.08 -42.52 65.14
N SER B 29 26.00 -43.07 65.69
CA SER B 29 24.73 -42.36 65.82
C SER B 29 24.37 -42.22 67.30
N VAL B 30 23.40 -41.33 67.55
CA VAL B 30 22.90 -41.06 68.88
C VAL B 30 21.43 -40.68 68.73
N HIS B 31 20.68 -40.81 69.82
CA HIS B 31 19.26 -40.47 69.79
C HIS B 31 19.07 -38.96 69.75
N THR B 32 18.33 -38.50 68.75
CA THR B 32 18.01 -37.08 68.61
C THR B 32 16.93 -36.71 69.63
N ALA B 33 17.32 -35.98 70.68
CA ALA B 33 16.37 -35.53 71.67
C ALA B 33 15.53 -34.39 71.11
N GLU B 34 14.33 -34.22 71.67
CA GLU B 34 13.41 -33.19 71.22
C GLU B 34 12.59 -32.70 72.40
N VAL B 35 12.58 -31.39 72.62
CA VAL B 35 11.80 -30.77 73.67
C VAL B 35 10.94 -29.67 73.07
N GLY B 36 9.81 -29.38 73.74
CA GLY B 36 8.89 -28.35 73.30
C GLY B 36 8.16 -28.70 72.01
N SER B 37 7.56 -27.66 71.43
CA SER B 37 6.83 -27.81 70.18
C SER B 37 6.82 -26.48 69.44
N HIS B 38 6.53 -26.57 68.15
CA HIS B 38 6.44 -25.39 67.29
C HIS B 38 5.20 -24.59 67.67
N GLN B 39 5.41 -23.43 68.28
CA GLN B 39 4.32 -22.64 68.86
C GLN B 39 3.69 -21.72 67.83
N ILE B 40 2.36 -21.67 67.80
CA ILE B 40 1.65 -20.75 66.91
C ILE B 40 1.33 -19.46 67.66
N GLU B 41 1.01 -18.42 66.88
CA GLU B 41 0.80 -17.09 67.42
C GLU B 41 -0.69 -16.72 67.30
N PRO B 42 -1.45 -16.72 68.39
CA PRO B 42 -2.90 -16.43 68.27
C PRO B 42 -3.23 -14.99 67.96
N LEU B 43 -2.57 -14.02 68.61
CA LEU B 43 -2.72 -12.61 68.27
C LEU B 43 -1.74 -12.39 67.14
N LYS B 44 -2.23 -12.53 65.91
CA LYS B 44 -1.37 -12.56 64.74
C LYS B 44 -0.76 -11.20 64.47
N THR B 45 0.57 -11.14 64.51
CA THR B 45 1.31 -9.96 64.11
C THR B 45 1.56 -9.92 62.60
N SER B 46 0.93 -10.82 61.85
CA SER B 46 1.03 -10.85 60.40
C SER B 46 -0.28 -11.43 59.88
N VAL B 47 -1.15 -10.57 59.34
CA VAL B 47 -2.49 -11.02 58.95
C VAL B 47 -2.53 -11.69 57.59
N ASP B 48 -1.45 -11.62 56.81
CA ASP B 48 -1.45 -12.26 55.50
C ASP B 48 -0.75 -13.62 55.56
N LYS B 49 -0.76 -14.31 54.42
CA LYS B 49 -0.15 -15.62 54.33
C LYS B 49 1.37 -15.50 54.34
N PRO B 50 2.08 -16.52 54.83
CA PRO B 50 3.55 -16.48 54.81
C PRO B 50 4.10 -16.65 53.41
N GLY B 51 5.41 -16.46 53.30
CA GLY B 51 6.06 -16.60 52.00
C GLY B 51 6.09 -18.04 51.54
N SER B 52 5.66 -18.23 50.30
CA SER B 52 5.51 -19.57 49.73
C SER B 52 5.87 -19.51 48.25
N LYS B 53 5.82 -20.67 47.60
CA LYS B 53 6.11 -20.73 46.17
C LYS B 53 4.94 -20.21 45.35
N LYS B 54 3.72 -20.33 45.87
CA LYS B 54 2.54 -20.00 45.09
C LYS B 54 2.33 -18.50 44.97
N THR B 55 2.73 -17.73 45.99
CA THR B 55 2.50 -16.30 45.98
C THR B 55 3.71 -15.48 45.54
N GLN B 56 4.92 -16.06 45.54
CA GLN B 56 6.12 -15.30 45.21
C GLN B 56 6.46 -15.40 43.73
N GLY B 57 6.68 -16.62 43.24
CA GLY B 57 7.13 -16.85 41.88
C GLY B 57 6.11 -16.62 40.79
N GLU B 58 4.85 -16.32 41.14
CA GLU B 58 3.79 -16.05 40.16
C GLU B 58 3.11 -14.73 40.55
N LYS B 59 3.67 -13.62 40.09
CA LYS B 59 3.14 -12.29 40.35
C LYS B 59 3.67 -11.37 39.26
N PHE B 60 2.83 -10.42 38.82
CA PHE B 60 3.11 -9.59 37.65
C PHE B 60 4.35 -8.73 37.84
N PHE B 61 5.29 -8.87 36.90
CA PHE B 61 6.59 -8.21 36.95
C PHE B 61 6.75 -7.34 35.73
N LEU B 62 6.90 -6.03 35.94
CA LEU B 62 7.17 -5.08 34.87
C LEU B 62 8.58 -5.34 34.34
N ILE B 63 8.71 -5.51 33.03
CA ILE B 63 9.98 -5.93 32.46
C ILE B 63 10.56 -4.87 31.53
N HIS B 64 9.71 -3.99 31.00
CA HIS B 64 10.19 -3.00 30.04
C HIS B 64 9.25 -1.81 30.04
N SER B 65 9.80 -0.62 29.84
CA SER B 65 9.03 0.62 29.74
C SER B 65 9.53 1.40 28.53
N ALA B 66 8.73 1.43 27.48
CA ALA B 66 8.99 2.24 26.30
C ALA B 66 7.87 3.26 26.13
N ARG B 67 7.92 4.04 25.05
CA ARG B 67 6.93 5.10 24.83
C ARG B 67 6.64 5.16 23.33
N TRP B 68 5.40 4.88 22.96
CA TRP B 68 4.97 4.88 21.57
C TRP B 68 4.67 6.32 21.14
N LEU B 69 5.39 6.80 20.13
CA LEU B 69 5.34 8.19 19.72
C LEU B 69 4.56 8.36 18.42
N THR B 70 4.43 9.61 18.00
CA THR B 70 3.65 9.92 16.81
C THR B 70 4.49 9.82 15.55
N THR B 71 5.80 9.95 15.66
CA THR B 71 6.70 9.97 14.50
C THR B 71 7.04 8.58 13.99
N HIS B 72 6.45 7.53 14.53
CA HIS B 72 6.73 6.18 14.06
C HIS B 72 5.90 5.86 12.82
N ALA B 73 6.54 5.21 11.85
CA ALA B 73 5.88 4.85 10.61
C ALA B 73 5.07 3.56 10.79
N LEU B 74 4.49 3.09 9.68
CA LEU B 74 3.67 1.90 9.71
C LEU B 74 4.54 0.65 9.83
N PHE B 75 4.05 -0.31 10.63
CA PHE B 75 4.70 -1.61 10.87
C PHE B 75 6.11 -1.46 11.45
N HIS B 76 6.31 -0.46 12.29
CA HIS B 76 7.56 -0.30 13.01
C HIS B 76 7.48 -1.05 14.33
N GLU B 77 8.49 -1.87 14.60
CA GLU B 77 8.51 -2.73 15.78
C GLU B 77 8.85 -1.86 16.98
N VAL B 78 7.86 -1.67 17.86
CA VAL B 78 8.05 -0.80 19.02
C VAL B 78 8.94 -1.48 20.05
N ALA B 79 8.61 -2.72 20.42
CA ALA B 79 9.34 -3.46 21.44
C ALA B 79 9.95 -4.72 20.85
N LYS B 80 11.17 -5.03 21.27
CA LYS B 80 11.83 -6.27 20.85
C LYS B 80 12.66 -6.75 22.04
N LEU B 81 12.19 -7.80 22.71
CA LEU B 81 12.79 -8.21 23.98
C LEU B 81 12.60 -9.71 24.17
N ASP B 82 13.21 -10.22 25.23
CA ASP B 82 13.02 -11.60 25.67
C ASP B 82 12.25 -11.58 26.98
N VAL B 83 11.12 -12.29 27.03
CA VAL B 83 10.29 -12.31 28.23
C VAL B 83 10.99 -13.12 29.32
N VAL B 84 11.71 -14.18 28.94
CA VAL B 84 12.35 -15.05 29.91
C VAL B 84 13.61 -14.40 30.48
N LYS B 85 14.37 -13.68 29.64
CA LYS B 85 15.64 -13.11 30.08
C LYS B 85 15.45 -11.90 30.97
N LEU B 86 14.42 -11.09 30.70
CA LEU B 86 14.16 -9.92 31.53
C LEU B 86 13.61 -10.30 32.89
N LEU B 87 12.99 -11.48 33.00
CA LEU B 87 12.60 -11.99 34.31
C LEU B 87 13.79 -12.57 35.05
N TYR B 88 14.89 -12.84 34.36
CA TYR B 88 16.14 -13.23 35.00
C TYR B 88 16.96 -11.98 35.33
N ASN B 89 16.73 -11.41 36.51
CA ASN B 89 17.40 -10.18 36.90
C ASN B 89 17.44 -10.11 38.42
N GLU B 90 18.38 -9.33 38.95
CA GLU B 90 18.63 -9.30 40.39
C GLU B 90 17.51 -8.60 41.15
N GLN B 91 16.79 -7.69 40.49
CA GLN B 91 15.83 -6.81 41.15
C GLN B 91 14.43 -7.44 41.29
N PHE B 92 14.32 -8.76 41.25
CA PHE B 92 13.03 -9.42 41.40
C PHE B 92 13.12 -10.56 42.41
N ALA B 93 11.96 -10.96 42.92
CA ALA B 93 11.86 -12.06 43.87
C ALA B 93 11.92 -13.42 43.21
N VAL B 94 11.76 -13.47 41.88
CA VAL B 94 11.92 -14.74 41.15
C VAL B 94 13.39 -15.07 40.94
N GLN B 95 14.28 -14.12 41.22
CA GLN B 95 15.70 -14.43 41.29
C GLN B 95 16.00 -15.36 42.46
N GLY B 96 15.27 -15.18 43.57
CA GLY B 96 15.50 -15.96 44.78
C GLY B 96 15.16 -17.42 44.66
N LEU B 97 14.25 -17.79 43.76
CA LEU B 97 13.89 -19.19 43.58
C LEU B 97 14.70 -19.85 42.47
N LEU B 98 15.10 -19.07 41.46
CA LEU B 98 15.78 -19.63 40.29
C LEU B 98 17.30 -19.64 40.43
N ARG B 99 17.85 -19.09 41.51
CA ARG B 99 19.30 -19.01 41.65
C ARG B 99 19.91 -20.33 42.08
N TYR B 100 19.22 -21.11 42.90
CA TYR B 100 19.70 -22.42 43.34
C TYR B 100 19.22 -23.55 42.45
N HIS B 101 18.15 -23.35 41.69
CA HIS B 101 17.56 -24.38 40.85
C HIS B 101 17.82 -24.06 39.39
N THR B 102 18.47 -24.99 38.68
CA THR B 102 18.91 -24.73 37.31
C THR B 102 17.78 -24.93 36.30
N TYR B 103 17.10 -26.07 36.38
CA TYR B 103 16.11 -26.43 35.37
C TYR B 103 14.80 -25.66 35.59
N ALA B 104 14.11 -25.40 34.48
CA ALA B 104 12.93 -24.55 34.51
C ALA B 104 11.93 -25.02 33.46
N ARG B 105 10.66 -24.95 33.84
CA ARG B 105 9.54 -25.33 32.99
C ARG B 105 8.35 -24.46 33.39
N PHE B 106 7.86 -23.63 32.47
CA PHE B 106 6.96 -22.55 32.86
C PHE B 106 6.08 -22.14 31.69
N GLY B 107 4.88 -21.66 32.02
CA GLY B 107 4.01 -21.01 31.05
C GLY B 107 4.09 -19.50 31.19
N ILE B 108 3.71 -18.79 30.13
CA ILE B 108 3.93 -17.36 30.03
C ILE B 108 2.60 -16.62 30.08
N GLU B 109 2.43 -15.79 31.11
CA GLU B 109 1.28 -14.89 31.25
C GLU B 109 1.72 -13.48 30.89
N ILE B 110 0.90 -12.81 30.08
CA ILE B 110 1.23 -11.50 29.53
C ILE B 110 0.04 -10.57 29.76
N GLN B 111 0.32 -9.39 30.31
CA GLN B 111 -0.66 -8.31 30.38
C GLN B 111 0.04 -7.00 30.06
N VAL B 112 -0.49 -6.26 29.09
CA VAL B 112 0.14 -5.05 28.58
C VAL B 112 -0.85 -3.91 28.73
N GLN B 113 -0.42 -2.83 29.39
CA GLN B 113 -1.28 -1.68 29.62
C GLN B 113 -0.68 -0.41 29.03
N ILE B 114 -1.46 0.27 28.19
CA ILE B 114 -1.09 1.52 27.55
C ILE B 114 -2.10 2.59 27.93
N ASN B 115 -1.74 3.85 27.69
CA ASN B 115 -2.55 4.98 28.13
C ASN B 115 -2.54 6.09 27.10
N PRO B 116 -3.47 6.06 26.13
CA PRO B 116 -3.56 7.17 25.17
C PRO B 116 -4.55 8.23 25.64
N THR B 117 -4.32 9.46 25.18
CA THR B 117 -5.34 10.50 25.33
C THR B 117 -6.37 10.37 24.20
N PRO B 118 -7.66 10.60 24.49
CA PRO B 118 -8.69 10.35 23.48
C PRO B 118 -8.76 11.37 22.34
N PHE B 119 -7.82 12.31 22.24
CA PHE B 119 -7.71 13.16 21.07
C PHE B 119 -6.63 12.69 20.11
N GLN B 120 -6.22 11.44 20.22
CA GLN B 120 -5.32 10.80 19.28
C GLN B 120 -6.07 9.70 18.55
N GLN B 121 -5.38 9.02 17.64
CA GLN B 121 -5.97 7.87 16.96
C GLN B 121 -4.85 6.96 16.47
N GLY B 122 -5.14 5.68 16.42
CA GLY B 122 -4.16 4.68 16.01
C GLY B 122 -4.33 3.41 16.81
N GLY B 123 -3.57 2.41 16.39
CA GLY B 123 -3.67 1.10 17.01
C GLY B 123 -2.34 0.38 16.99
N LEU B 124 -2.22 -0.60 17.88
CA LEU B 124 -0.99 -1.37 18.03
C LEU B 124 -1.27 -2.86 17.86
N ILE B 125 -0.22 -3.68 17.92
CA ILE B 125 -0.36 -5.13 17.89
C ILE B 125 0.56 -5.69 18.98
N CYS B 126 0.15 -6.80 19.59
CA CYS B 126 0.93 -7.46 20.63
C CYS B 126 0.80 -8.96 20.40
N ALA B 127 1.77 -9.53 19.70
CA ALA B 127 1.79 -10.96 19.44
C ALA B 127 2.89 -11.63 20.25
N MET B 128 2.71 -12.93 20.46
CA MET B 128 3.67 -13.76 21.18
C MET B 128 4.31 -14.74 20.19
N VAL B 129 5.62 -14.65 20.02
CA VAL B 129 6.34 -15.30 18.94
C VAL B 129 7.30 -16.33 19.56
N PRO B 130 7.24 -17.59 19.16
CA PRO B 130 8.26 -18.56 19.63
C PRO B 130 9.53 -18.46 18.80
N GLY B 131 10.66 -18.37 19.49
CA GLY B 131 11.97 -18.35 18.86
C GLY B 131 12.44 -17.00 18.36
N ASP B 132 11.96 -16.57 17.19
CA ASP B 132 12.42 -15.33 16.57
C ASP B 132 11.42 -14.92 15.51
N GLN B 133 11.50 -13.65 15.09
CA GLN B 133 10.78 -13.14 13.93
C GLN B 133 11.60 -13.31 12.64
N SER B 134 11.97 -14.56 12.33
CA SER B 134 12.90 -14.85 11.23
C SER B 134 12.28 -14.55 9.88
N TYR B 135 11.23 -15.29 9.51
CA TYR B 135 10.56 -15.04 8.24
C TYR B 135 9.05 -15.03 8.37
N GLY B 136 8.51 -14.62 9.52
CA GLY B 136 7.08 -14.54 9.66
C GLY B 136 6.53 -13.27 9.02
N SER B 137 5.29 -13.36 8.52
CA SER B 137 4.68 -12.23 7.86
C SER B 137 4.18 -11.22 8.89
N ILE B 138 4.37 -9.93 8.58
CA ILE B 138 3.84 -8.88 9.44
C ILE B 138 2.32 -8.83 9.32
N ALA B 139 1.80 -9.07 8.12
CA ALA B 139 0.37 -8.97 7.88
C ALA B 139 -0.40 -10.22 8.31
N SER B 140 0.30 -11.31 8.66
CA SER B 140 -0.34 -12.56 9.05
C SER B 140 -0.11 -12.88 10.52
N LEU B 141 0.14 -11.85 11.33
CA LEU B 141 0.43 -12.05 12.74
C LEU B 141 -0.77 -12.43 13.58
N THR B 142 -1.99 -12.30 13.05
CA THR B 142 -3.18 -12.62 13.85
C THR B 142 -3.40 -14.12 14.02
N VAL B 143 -2.67 -14.96 13.27
CA VAL B 143 -2.72 -16.40 13.51
C VAL B 143 -2.13 -16.72 14.87
N TYR B 144 -1.10 -15.98 15.27
CA TYR B 144 -0.55 -16.04 16.62
C TYR B 144 -1.60 -15.59 17.63
N PRO B 145 -1.52 -16.09 18.87
CA PRO B 145 -2.39 -15.54 19.91
C PRO B 145 -1.98 -14.12 20.26
N HIS B 146 -2.78 -13.16 19.82
CA HIS B 146 -2.39 -11.77 19.92
C HIS B 146 -3.43 -11.01 20.72
N GLY B 147 -3.18 -9.72 20.90
CA GLY B 147 -4.16 -8.80 21.44
C GLY B 147 -3.92 -7.42 20.87
N LEU B 148 -4.95 -6.84 20.25
CA LEU B 148 -4.83 -5.55 19.59
C LEU B 148 -5.15 -4.41 20.54
N LEU B 149 -4.77 -3.21 20.14
CA LEU B 149 -4.99 -2.00 20.91
C LEU B 149 -5.71 -0.98 20.05
N ASN B 150 -6.52 -0.14 20.67
CA ASN B 150 -7.34 0.84 19.98
C ASN B 150 -7.45 2.09 20.84
N CYS B 151 -7.49 3.25 20.18
CA CYS B 151 -7.74 4.52 20.86
C CYS B 151 -9.23 4.76 21.12
N ASN B 152 -10.10 3.84 20.68
CA ASN B 152 -11.54 4.03 20.82
C ASN B 152 -12.11 3.31 22.04
N ILE B 153 -11.74 2.04 22.24
CA ILE B 153 -12.51 1.19 23.15
C ILE B 153 -11.75 0.84 24.42
N ASN B 154 -10.64 0.11 24.27
CA ASN B 154 -10.01 -0.53 25.41
C ASN B 154 -8.54 -0.15 25.52
N ASN B 155 -7.97 -0.47 26.69
CA ASN B 155 -6.56 -0.25 26.95
C ASN B 155 -5.90 -1.37 27.76
N VAL B 156 -6.61 -2.47 28.04
CA VAL B 156 -6.06 -3.61 28.78
C VAL B 156 -6.41 -4.89 28.03
N VAL B 157 -5.39 -5.68 27.67
CA VAL B 157 -5.58 -7.01 27.12
C VAL B 157 -4.71 -8.00 27.88
N ARG B 158 -4.97 -9.29 27.68
CA ARG B 158 -4.19 -10.35 28.32
C ARG B 158 -4.06 -11.53 27.38
N ILE B 159 -2.89 -12.19 27.44
CA ILE B 159 -2.55 -13.31 26.57
C ILE B 159 -1.94 -14.40 27.44
N LYS B 160 -2.47 -15.62 27.33
CA LYS B 160 -1.96 -16.79 28.05
C LYS B 160 -1.48 -17.82 27.03
N VAL B 161 -0.19 -18.08 27.00
CA VAL B 161 0.40 -19.00 26.03
C VAL B 161 1.17 -20.08 26.80
N PRO B 162 1.28 -21.29 26.25
CA PRO B 162 2.03 -22.34 26.92
C PRO B 162 3.52 -22.33 26.55
N PHE B 163 4.25 -23.27 27.15
CA PHE B 163 5.68 -23.40 26.96
C PHE B 163 5.95 -24.02 25.59
N ILE B 164 6.46 -23.21 24.66
CA ILE B 164 6.76 -23.65 23.31
C ILE B 164 8.27 -23.64 23.17
N TYR B 165 8.86 -24.83 23.13
CA TYR B 165 10.31 -24.99 23.21
C TYR B 165 10.65 -26.37 22.69
N THR B 166 11.86 -26.51 22.13
CA THR B 166 12.25 -27.78 21.53
C THR B 166 12.53 -28.85 22.58
N ARG B 167 12.78 -28.45 23.82
CA ARG B 167 13.01 -29.38 24.91
C ARG B 167 11.98 -29.16 26.02
N GLY B 168 12.16 -29.88 27.12
CA GLY B 168 11.23 -29.81 28.24
C GLY B 168 11.65 -28.90 29.36
N ALA B 169 12.92 -28.99 29.77
CA ALA B 169 13.45 -28.13 30.82
C ALA B 169 14.29 -27.02 30.21
N TYR B 170 14.64 -26.02 31.01
CA TYR B 170 15.35 -24.84 30.49
C TYR B 170 16.65 -24.67 31.25
N HIS B 171 17.69 -24.22 30.54
CA HIS B 171 18.99 -23.96 31.12
C HIS B 171 19.23 -22.46 31.11
N PHE B 172 19.52 -21.88 32.27
CA PHE B 172 19.69 -20.43 32.36
C PHE B 172 21.08 -19.97 31.91
N LYS B 173 22.11 -20.81 32.07
CA LYS B 173 23.47 -20.35 31.86
C LYS B 173 23.85 -20.27 30.39
N ASP B 174 23.27 -21.13 29.54
CA ASP B 174 23.59 -21.14 28.11
C ASP B 174 22.36 -21.57 27.33
N PRO B 175 21.48 -20.63 26.98
CA PRO B 175 20.31 -20.98 26.19
C PRO B 175 20.66 -21.18 24.72
N GLN B 176 19.97 -22.15 24.09
CA GLN B 176 20.15 -22.37 22.67
C GLN B 176 19.51 -21.26 21.84
N TYR B 177 18.34 -20.79 22.27
CA TYR B 177 17.53 -19.79 21.57
C TYR B 177 16.51 -19.24 22.57
N PRO B 178 15.99 -18.03 22.40
CA PRO B 178 14.95 -17.53 23.32
C PRO B 178 13.63 -18.24 23.12
N VAL B 179 12.96 -18.54 24.24
CA VAL B 179 11.76 -19.36 24.22
C VAL B 179 10.58 -18.60 23.61
N TRP B 180 10.22 -17.46 24.22
CA TRP B 180 9.24 -16.54 23.68
C TRP B 180 9.88 -15.19 23.41
N GLU B 181 9.31 -14.46 22.44
CA GLU B 181 9.76 -13.11 22.11
C GLU B 181 8.52 -12.26 21.89
N LEU B 182 8.19 -11.45 22.89
CA LEU B 182 7.05 -10.54 22.79
C LEU B 182 7.34 -9.45 21.77
N THR B 183 6.47 -9.33 20.78
CA THR B 183 6.60 -8.30 19.76
C THR B 183 5.46 -7.30 19.85
N ILE B 184 5.81 -6.03 19.60
CA ILE B 184 4.85 -4.93 19.54
C ILE B 184 5.18 -4.11 18.32
N ARG B 185 4.28 -4.07 17.34
CA ARG B 185 4.50 -3.33 16.11
C ARG B 185 3.40 -2.30 15.92
N VAL B 186 3.71 -1.27 15.13
CA VAL B 186 2.76 -0.20 14.86
C VAL B 186 1.70 -0.73 13.90
N TRP B 187 0.48 -0.90 14.39
CA TRP B 187 -0.62 -1.36 13.57
C TRP B 187 -1.31 -0.23 12.84
N SER B 188 -1.29 0.98 13.40
CA SER B 188 -1.80 2.17 12.76
C SER B 188 -1.02 3.36 13.31
N GLU B 189 -0.75 4.33 12.44
CA GLU B 189 0.10 5.46 12.83
C GLU B 189 -0.63 6.41 13.77
N LEU B 190 0.12 6.97 14.72
CA LEU B 190 -0.44 7.84 15.75
C LEU B 190 -0.39 9.28 15.26
N ASN B 191 -1.57 9.83 14.94
CA ASN B 191 -1.68 11.18 14.40
C ASN B 191 -2.20 12.15 15.46
N ILE B 192 -1.70 13.39 15.41
CA ILE B 192 -2.17 14.48 16.25
C ILE B 192 -2.37 15.72 15.40
N GLY B 193 -3.08 16.70 15.97
CA GLY B 193 -3.25 18.00 15.34
C GLY B 193 -2.39 19.06 15.98
N THR B 194 -3.01 20.08 16.57
CA THR B 194 -2.31 21.12 17.30
C THR B 194 -2.82 21.17 18.74
N GLY B 195 -1.89 21.02 19.68
CA GLY B 195 -2.21 21.03 21.09
C GLY B 195 -2.36 19.67 21.73
N THR B 196 -2.72 18.65 20.97
CA THR B 196 -2.80 17.29 21.50
C THR B 196 -1.39 16.75 21.75
N SER B 197 -1.22 16.09 22.90
CA SER B 197 0.09 15.64 23.35
C SER B 197 0.66 14.56 22.43
N ALA B 198 1.96 14.63 22.19
CA ALA B 198 2.66 13.79 21.22
C ALA B 198 3.39 12.63 21.89
N TYR B 199 2.84 12.12 23.00
CA TYR B 199 3.43 10.95 23.64
C TYR B 199 2.34 10.16 24.35
N THR B 200 2.55 8.85 24.42
CA THR B 200 1.69 7.94 25.17
C THR B 200 2.52 6.74 25.61
N SER B 201 2.30 6.30 26.84
CA SER B 201 3.19 5.35 27.48
C SER B 201 2.86 3.90 27.10
N LEU B 202 3.74 2.99 27.54
CA LEU B 202 3.60 1.57 27.24
C LEU B 202 4.32 0.77 28.31
N ASN B 203 3.66 -0.27 28.81
CA ASN B 203 4.18 -1.10 29.89
C ASN B 203 3.79 -2.54 29.67
N VAL B 204 4.71 -3.45 30.04
CA VAL B 204 4.52 -4.90 29.85
C VAL B 204 4.65 -5.57 31.22
N LEU B 205 3.55 -6.16 31.70
CA LEU B 205 3.52 -6.88 32.96
C LEU B 205 3.49 -8.37 32.68
N ALA B 206 4.57 -9.07 33.02
CA ALA B 206 4.70 -10.48 32.70
C ALA B 206 5.00 -11.28 33.95
N ARG B 207 4.58 -12.54 33.95
CA ARG B 207 4.80 -13.44 35.08
C ARG B 207 4.80 -14.87 34.57
N PHE B 208 5.37 -15.77 35.38
CA PHE B 208 5.41 -17.18 35.08
C PHE B 208 4.10 -17.85 35.52
N THR B 209 3.78 -18.98 34.88
CA THR B 209 2.71 -19.86 35.34
C THR B 209 3.19 -21.31 35.27
N ASP B 210 2.81 -22.09 36.29
CA ASP B 210 3.06 -23.53 36.39
C ASP B 210 4.56 -23.85 36.35
N LEU B 211 5.27 -23.37 37.37
CA LEU B 211 6.72 -23.52 37.44
C LEU B 211 7.10 -24.83 38.11
N GLU B 212 8.12 -25.51 37.57
CA GLU B 212 8.73 -26.67 38.18
C GLU B 212 10.21 -26.36 38.47
N LEU B 213 10.76 -27.02 39.49
CA LEU B 213 12.17 -26.86 39.86
C LEU B 213 12.80 -28.23 40.05
N HIS B 214 13.96 -28.43 39.41
CA HIS B 214 14.63 -29.72 39.41
C HIS B 214 16.13 -29.50 39.42
N GLY B 215 16.85 -30.36 40.16
CA GLY B 215 18.31 -30.41 40.03
C GLY B 215 19.07 -29.23 40.60
N LEU B 216 19.14 -29.12 41.92
CA LEU B 216 19.79 -27.99 42.58
C LEU B 216 21.29 -27.96 42.28
N THR B 217 21.82 -26.76 42.11
CA THR B 217 23.22 -26.49 41.82
C THR B 217 23.89 -25.78 42.99
N PRO B 218 25.19 -26.01 43.19
CA PRO B 218 25.89 -25.24 44.25
C PRO B 218 26.35 -23.88 43.77
N LEU B 219 26.54 -23.70 42.46
CA LEU B 219 27.03 -22.43 41.95
C LEU B 219 25.90 -21.44 41.77
N SER B 220 26.25 -20.17 41.66
CA SER B 220 25.29 -19.09 41.51
C SER B 220 24.87 -18.95 40.05
N MET C 1 5.15 -81.47 -5.25
CA MET C 1 5.54 -80.63 -6.37
C MET C 1 4.95 -79.22 -6.21
N MET C 2 5.82 -78.22 -6.21
CA MET C 2 5.36 -76.85 -6.04
C MET C 2 4.76 -76.29 -7.32
N ARG C 3 3.60 -75.66 -7.19
CA ARG C 3 2.88 -75.05 -8.32
C ARG C 3 2.51 -73.63 -7.89
N ASN C 4 3.44 -72.69 -8.08
CA ASN C 4 3.27 -71.32 -7.63
C ASN C 4 3.77 -70.40 -8.75
N GLU C 5 2.87 -70.00 -9.63
CA GLU C 5 3.20 -69.18 -10.79
C GLU C 5 2.27 -67.96 -10.88
N THR C 6 2.89 -66.80 -11.15
CA THR C 6 2.16 -65.56 -11.41
C THR C 6 2.82 -64.86 -12.58
N ARG C 7 2.02 -64.49 -13.58
CA ARG C 7 2.53 -63.71 -14.71
C ARG C 7 2.73 -62.26 -14.28
N VAL C 8 3.85 -61.67 -14.67
CA VAL C 8 4.14 -60.28 -14.30
C VAL C 8 3.22 -59.35 -15.08
N SER C 9 2.50 -58.50 -14.36
CA SER C 9 1.55 -57.57 -14.96
C SER C 9 2.31 -56.36 -15.51
N THR C 10 1.56 -55.39 -16.02
CA THR C 10 2.16 -54.16 -16.53
C THR C 10 2.53 -53.23 -15.38
N THR C 11 2.99 -52.03 -15.76
CA THR C 11 3.54 -51.01 -14.85
C THR C 11 4.66 -51.59 -13.97
N GLU C 12 5.59 -52.26 -14.63
CA GLU C 12 6.72 -52.90 -13.95
C GLU C 12 7.85 -51.89 -13.83
N ASN C 13 8.26 -51.61 -12.58
CA ASN C 13 9.30 -50.65 -12.20
C ASN C 13 8.95 -49.25 -12.71
N VAL C 14 7.81 -48.74 -12.25
CA VAL C 14 7.35 -47.40 -12.55
C VAL C 14 7.12 -46.66 -11.24
N VAL C 15 7.76 -45.50 -11.09
CA VAL C 15 7.63 -44.70 -9.87
C VAL C 15 6.26 -44.03 -9.87
N ASN C 16 5.38 -44.45 -8.97
CA ASN C 16 4.03 -43.91 -8.85
C ASN C 16 3.97 -42.97 -7.65
N LEU C 17 3.70 -41.68 -7.92
CA LEU C 17 3.66 -40.67 -6.87
C LEU C 17 2.40 -39.81 -6.93
N SER C 18 1.35 -40.30 -7.59
CA SER C 18 0.09 -39.56 -7.71
C SER C 18 -0.65 -39.57 -6.37
N ASN C 19 -0.70 -40.74 -5.72
CA ASN C 19 -1.24 -40.91 -4.39
C ASN C 19 -0.17 -41.47 -3.46
N TYR C 20 -0.54 -41.61 -2.18
CA TYR C 20 0.43 -42.07 -1.20
C TYR C 20 0.39 -43.57 -0.98
N GLU C 21 -0.68 -44.25 -1.43
CA GLU C 21 -0.77 -45.71 -1.27
C GLU C 21 0.24 -46.46 -2.11
N ASP C 22 0.78 -45.86 -3.18
CA ASP C 22 1.89 -46.43 -3.91
C ASP C 22 3.19 -45.68 -3.67
N ALA C 23 3.15 -44.57 -2.93
CA ALA C 23 4.33 -43.81 -2.58
C ALA C 23 4.89 -44.19 -1.21
N ARG C 24 4.18 -45.02 -0.45
CA ARG C 24 4.65 -45.46 0.85
C ARG C 24 5.79 -46.46 0.69
N ALA C 25 6.61 -46.56 1.72
CA ALA C 25 7.76 -47.46 1.69
C ALA C 25 7.35 -48.87 2.09
N LYS C 26 8.11 -49.85 1.63
CA LYS C 26 7.78 -51.25 1.85
C LYS C 26 8.59 -51.87 2.97
N MET C 27 9.45 -51.11 3.64
CA MET C 27 10.30 -51.66 4.69
C MET C 27 10.60 -50.55 5.68
N SER C 28 11.60 -50.79 6.53
CA SER C 28 12.04 -49.80 7.50
C SER C 28 13.49 -50.04 7.90
N PHE C 29 14.21 -48.93 8.17
CA PHE C 29 15.53 -48.99 8.77
C PHE C 29 15.51 -49.42 10.23
N ALA C 30 14.36 -49.33 10.88
CA ALA C 30 14.29 -49.43 12.33
C ALA C 30 14.52 -50.87 12.80
N LEU C 31 15.33 -50.99 13.84
CA LEU C 31 15.51 -52.27 14.52
C LEU C 31 14.20 -52.67 15.18
N ASP C 32 13.84 -53.95 15.00
CA ASP C 32 12.64 -54.60 15.52
C ASP C 32 11.34 -53.99 14.96
N GLN C 33 11.43 -53.17 13.91
CA GLN C 33 10.30 -52.52 13.22
C GLN C 33 9.43 -51.72 14.20
N GLU C 34 10.01 -50.65 14.74
CA GLU C 34 9.35 -49.92 15.83
C GLU C 34 8.30 -48.94 15.29
N ASP C 35 7.50 -48.43 16.23
CA ASP C 35 6.44 -47.46 15.95
C ASP C 35 6.65 -46.23 16.81
N TRP C 36 5.84 -45.20 16.58
CA TRP C 36 5.99 -43.91 17.26
C TRP C 36 4.63 -43.43 17.78
N LYS C 37 4.52 -43.35 19.11
CA LYS C 37 3.28 -43.01 19.79
C LYS C 37 3.14 -41.50 19.96
N SER C 38 1.97 -41.09 20.46
CA SER C 38 1.65 -39.68 20.68
C SER C 38 2.12 -39.26 22.07
N ASP C 39 2.73 -38.07 22.15
CA ASP C 39 3.25 -37.52 23.40
C ASP C 39 2.78 -36.08 23.55
N PRO C 40 1.53 -35.85 24.04
CA PRO C 40 0.99 -34.48 24.11
C PRO C 40 1.33 -33.78 25.42
N SER C 41 2.62 -33.63 25.71
CA SER C 41 3.05 -32.98 26.94
C SER C 41 3.74 -31.63 26.69
N GLN C 42 4.71 -31.61 25.78
CA GLN C 42 5.49 -30.40 25.50
C GLN C 42 4.96 -29.58 24.33
N GLY C 43 3.98 -30.09 23.59
CA GLY C 43 3.41 -29.35 22.49
C GLY C 43 2.24 -28.45 22.85
N GLY C 44 1.78 -28.50 24.11
CA GLY C 44 0.66 -27.69 24.52
C GLY C 44 -0.69 -28.15 24.03
N GLY C 45 -0.76 -29.32 23.40
CA GLY C 45 -2.02 -29.87 22.92
C GLY C 45 -2.50 -29.32 21.59
N ILE C 46 -1.82 -28.35 21.00
CA ILE C 46 -2.24 -27.75 19.74
C ILE C 46 -1.74 -28.70 18.64
N LYS C 47 -2.67 -29.47 18.08
CA LYS C 47 -2.36 -30.44 17.04
C LYS C 47 -3.13 -30.10 15.79
N ILE C 48 -2.41 -29.87 14.69
CA ILE C 48 -3.00 -29.37 13.46
C ILE C 48 -2.99 -30.49 12.43
N THR C 49 -4.18 -30.93 12.03
CA THR C 49 -4.33 -31.92 10.97
C THR C 49 -5.06 -31.38 9.76
N HIS C 50 -5.23 -30.07 9.67
CA HIS C 50 -6.13 -29.53 8.67
C HIS C 50 -5.78 -28.07 8.39
N PHE C 51 -5.89 -27.66 7.13
CA PHE C 51 -5.47 -26.31 6.75
C PHE C 51 -6.52 -25.25 7.05
N THR C 52 -7.55 -25.55 7.84
CA THR C 52 -8.52 -24.52 8.16
C THR C 52 -7.98 -23.55 9.21
N THR C 53 -6.92 -23.93 9.92
CA THR C 53 -6.41 -23.13 11.03
C THR C 53 -5.79 -21.81 10.55
N TRP C 54 -5.21 -21.80 9.34
CA TRP C 54 -4.59 -20.58 8.84
C TRP C 54 -5.56 -19.71 8.05
N THR C 55 -6.60 -20.30 7.46
CA THR C 55 -7.38 -19.59 6.45
C THR C 55 -8.40 -18.64 7.08
N SER C 56 -9.24 -19.13 7.99
CA SER C 56 -10.35 -18.34 8.50
C SER C 56 -9.94 -17.33 9.57
N ILE C 57 -8.66 -17.30 9.96
CA ILE C 57 -8.15 -16.28 10.88
C ILE C 57 -7.93 -15.01 10.08
N PRO C 58 -8.44 -13.86 10.55
CA PRO C 58 -8.38 -12.64 9.73
C PRO C 58 -6.98 -12.05 9.65
N THR C 59 -6.41 -12.04 8.44
CA THR C 59 -5.07 -11.53 8.20
C THR C 59 -5.13 -10.34 7.24
N LEU C 60 -4.28 -9.36 7.50
CA LEU C 60 -4.29 -8.09 6.78
C LEU C 60 -3.86 -8.28 5.34
N ALA C 61 -4.65 -7.73 4.40
CA ALA C 61 -4.39 -7.90 2.98
C ALA C 61 -4.21 -6.56 2.25
N ALA C 62 -4.85 -5.50 2.73
CA ALA C 62 -4.74 -4.20 2.07
C ALA C 62 -4.90 -3.09 3.11
N GLN C 63 -4.95 -1.85 2.62
CA GLN C 63 -5.01 -0.65 3.45
C GLN C 63 -5.51 0.51 2.61
N PHE C 64 -6.57 1.18 3.09
CA PHE C 64 -7.03 2.40 2.45
C PHE C 64 -7.60 3.35 3.50
N PRO C 65 -7.23 4.63 3.45
CA PRO C 65 -7.81 5.60 4.39
C PRO C 65 -9.11 6.19 3.87
N PHE C 66 -9.79 6.99 4.70
CA PHE C 66 -11.00 7.70 4.30
C PHE C 66 -10.75 9.19 4.53
N ASN C 67 -10.29 9.88 3.49
CA ASN C 67 -10.00 11.30 3.57
C ASN C 67 -11.28 12.13 3.60
N ALA C 68 -11.13 13.41 3.90
CA ALA C 68 -12.24 14.34 3.92
C ALA C 68 -12.29 15.27 2.70
N SER C 69 -11.26 15.23 1.84
CA SER C 69 -11.19 16.09 0.67
C SER C 69 -11.72 15.41 -0.59
N ASP C 70 -12.68 14.51 -0.45
CA ASP C 70 -13.23 13.74 -1.56
C ASP C 70 -14.70 14.10 -1.79
N SER C 71 -15.20 13.72 -2.96
CA SER C 71 -16.56 14.04 -3.39
C SER C 71 -17.49 12.86 -3.11
N VAL C 72 -18.79 13.16 -3.08
CA VAL C 72 -19.83 12.20 -2.71
C VAL C 72 -20.01 11.17 -3.81
N GLY C 73 -19.60 9.93 -3.56
CA GLY C 73 -19.69 8.86 -4.54
C GLY C 73 -18.40 8.56 -5.26
N GLN C 74 -17.30 9.19 -4.88
CA GLN C 74 -16.00 8.98 -5.54
C GLN C 74 -15.44 7.63 -5.13
N GLN C 75 -14.94 6.87 -6.10
CA GLN C 75 -14.39 5.56 -5.82
C GLN C 75 -13.05 5.68 -5.11
N ILE C 76 -12.89 4.97 -4.01
CA ILE C 76 -11.67 5.00 -3.21
C ILE C 76 -10.71 3.88 -3.61
N LYS C 77 -11.16 2.63 -3.52
CA LYS C 77 -10.30 1.50 -3.84
C LYS C 77 -11.16 0.37 -4.39
N VAL C 78 -10.71 -0.22 -5.50
CA VAL C 78 -11.38 -1.36 -6.11
C VAL C 78 -10.60 -2.61 -5.72
N ILE C 79 -11.33 -3.67 -5.35
CA ILE C 79 -10.70 -4.89 -4.84
C ILE C 79 -11.14 -6.09 -5.66
N PRO C 80 -10.22 -6.80 -6.31
CA PRO C 80 -10.56 -8.11 -6.86
C PRO C 80 -10.74 -9.14 -5.73
N VAL C 81 -11.97 -9.62 -5.57
CA VAL C 81 -12.29 -10.51 -4.46
C VAL C 81 -11.84 -11.93 -4.80
N ASP C 82 -10.78 -12.38 -4.14
CA ASP C 82 -10.22 -13.71 -4.34
C ASP C 82 -9.41 -14.07 -3.10
N PRO C 83 -9.06 -15.35 -2.92
CA PRO C 83 -8.10 -15.69 -1.87
C PRO C 83 -6.65 -15.37 -2.22
N TYR C 84 -6.39 -14.89 -3.44
CA TYR C 84 -5.06 -14.60 -3.94
C TYR C 84 -4.65 -13.15 -3.71
N PHE C 85 -5.21 -12.48 -2.70
CA PHE C 85 -5.10 -11.04 -2.58
C PHE C 85 -4.15 -10.65 -1.45
N PHE C 86 -3.07 -9.94 -1.82
CA PHE C 86 -2.09 -9.39 -0.89
C PHE C 86 -1.31 -8.31 -1.63
N GLN C 87 -1.02 -7.21 -0.95
CA GLN C 87 -0.20 -6.16 -1.54
C GLN C 87 0.81 -5.53 -0.61
N MET C 88 0.73 -5.74 0.70
CA MET C 88 1.62 -5.06 1.62
C MET C 88 3.01 -5.68 1.66
N THR C 89 3.98 -4.87 2.07
CA THR C 89 5.37 -5.25 2.09
C THR C 89 6.07 -4.49 3.22
N ASN C 90 7.38 -4.67 3.30
CA ASN C 90 8.19 -3.98 4.29
C ASN C 90 9.57 -3.74 3.69
N THR C 91 10.13 -2.56 3.97
CA THR C 91 11.45 -2.20 3.47
C THR C 91 12.57 -2.72 4.35
N ASN C 92 12.42 -2.59 5.67
CA ASN C 92 13.39 -3.13 6.63
C ASN C 92 12.66 -4.05 7.58
N PRO C 93 12.85 -5.38 7.47
CA PRO C 93 13.68 -6.15 6.53
C PRO C 93 13.11 -6.25 5.12
N ASP C 94 13.91 -6.73 4.17
CA ASP C 94 13.44 -6.91 2.80
C ASP C 94 12.46 -8.06 2.74
N GLN C 95 11.17 -7.73 2.77
CA GLN C 95 10.12 -8.75 2.82
C GLN C 95 8.83 -8.17 2.25
N LYS C 96 8.05 -9.06 1.64
CA LYS C 96 6.75 -8.71 1.07
C LYS C 96 5.68 -9.47 1.85
N CYS C 97 4.82 -8.73 2.55
CA CYS C 97 3.90 -9.32 3.50
C CYS C 97 2.83 -10.16 2.80
N ILE C 98 2.65 -11.38 3.30
CA ILE C 98 1.76 -12.36 2.70
C ILE C 98 0.60 -12.59 3.67
N THR C 99 -0.55 -12.95 3.10
CA THR C 99 -1.70 -13.32 3.90
C THR C 99 -1.71 -14.83 4.10
N ALA C 100 -2.22 -15.27 5.24
CA ALA C 100 -2.26 -16.69 5.56
C ALA C 100 -3.24 -17.45 4.67
N LEU C 101 -4.22 -16.76 4.08
CA LEU C 101 -5.12 -17.43 3.14
C LEU C 101 -4.47 -17.67 1.79
N ALA C 102 -3.61 -16.75 1.33
CA ALA C 102 -3.07 -16.85 -0.02
C ALA C 102 -2.05 -17.96 -0.15
N SER C 103 -1.25 -18.21 0.91
CA SER C 103 -0.26 -19.27 0.87
C SER C 103 -0.91 -20.66 0.82
N ILE C 104 -2.08 -20.81 1.45
CA ILE C 104 -2.79 -22.09 1.39
C ILE C 104 -3.33 -22.34 -0.01
N CYS C 105 -3.85 -21.28 -0.65
CA CYS C 105 -4.52 -21.42 -1.93
C CYS C 105 -3.59 -21.30 -3.14
N GLN C 106 -2.36 -20.81 -2.97
CA GLN C 106 -1.41 -20.73 -4.07
C GLN C 106 -0.81 -22.08 -4.42
N MET C 107 -1.15 -23.14 -3.68
CA MET C 107 -0.66 -24.48 -3.97
C MET C 107 -1.74 -25.35 -4.56
N PHE C 108 -2.63 -24.78 -5.38
CA PHE C 108 -3.75 -25.51 -5.97
C PHE C 108 -4.04 -24.98 -7.37
N CYS C 109 -4.65 -25.83 -8.20
CA CYS C 109 -5.12 -25.41 -9.52
C CYS C 109 -6.48 -24.75 -9.47
N PHE C 110 -7.35 -25.18 -8.54
CA PHE C 110 -8.72 -24.71 -8.48
C PHE C 110 -9.05 -24.31 -7.05
N TRP C 111 -10.07 -23.48 -6.91
CA TRP C 111 -10.56 -23.12 -5.59
C TRP C 111 -12.06 -22.90 -5.66
N ARG C 112 -12.72 -23.06 -4.52
CA ARG C 112 -14.16 -22.87 -4.40
C ARG C 112 -14.49 -22.64 -2.93
N GLY C 113 -15.22 -21.57 -2.64
CA GLY C 113 -15.60 -21.26 -1.29
C GLY C 113 -15.86 -19.78 -1.08
N ASP C 114 -16.49 -19.47 0.05
CA ASP C 114 -16.86 -18.09 0.38
C ASP C 114 -15.70 -17.37 1.07
N LEU C 115 -15.79 -16.04 1.08
CA LEU C 115 -14.75 -15.19 1.64
C LEU C 115 -15.38 -14.14 2.54
N VAL C 116 -14.70 -13.80 3.63
CA VAL C 116 -15.20 -12.83 4.60
C VAL C 116 -14.15 -11.74 4.79
N PHE C 117 -14.47 -10.53 4.32
CA PHE C 117 -13.64 -9.35 4.57
C PHE C 117 -14.02 -8.74 5.91
N ASP C 118 -13.04 -8.13 6.59
CA ASP C 118 -13.24 -7.46 7.86
C ASP C 118 -12.65 -6.06 7.76
N PHE C 119 -13.49 -5.06 7.53
CA PHE C 119 -13.05 -3.68 7.41
C PHE C 119 -13.11 -3.02 8.78
N GLN C 120 -11.97 -2.95 9.45
CA GLN C 120 -11.84 -2.32 10.76
C GLN C 120 -11.35 -0.90 10.55
N VAL C 121 -12.08 0.06 11.10
CA VAL C 121 -11.68 1.47 11.04
C VAL C 121 -11.01 1.84 12.36
N PHE C 122 -10.17 2.86 12.34
CA PHE C 122 -9.64 3.47 13.57
C PHE C 122 -9.90 4.97 13.54
N PRO C 123 -11.15 5.40 13.80
CA PRO C 123 -11.41 6.83 13.85
C PRO C 123 -11.21 7.37 15.25
N THR C 124 -11.51 8.65 15.45
CA THR C 124 -11.78 9.12 16.79
C THR C 124 -13.25 8.86 17.11
N LYS C 125 -13.69 9.28 18.30
CA LYS C 125 -15.10 9.14 18.64
C LYS C 125 -15.97 10.23 18.02
N TYR C 126 -15.38 11.17 17.27
CA TYR C 126 -16.07 12.35 16.78
C TYR C 126 -16.19 12.39 15.27
N HIS C 127 -15.59 11.43 14.56
CA HIS C 127 -15.78 11.33 13.13
C HIS C 127 -17.17 10.78 12.82
N SER C 128 -17.57 10.88 11.55
CA SER C 128 -18.91 10.51 11.12
C SER C 128 -18.85 10.17 9.64
N GLY C 129 -20.01 10.18 8.98
CA GLY C 129 -20.12 9.77 7.60
C GLY C 129 -20.41 8.28 7.50
N ARG C 130 -20.65 7.85 6.27
CA ARG C 130 -21.02 6.46 6.01
C ARG C 130 -20.25 5.95 4.81
N LEU C 131 -20.37 4.64 4.56
CA LEU C 131 -19.79 4.01 3.39
C LEU C 131 -20.79 3.06 2.75
N LEU C 132 -20.42 2.49 1.60
CA LEU C 132 -21.26 1.54 0.89
C LEU C 132 -20.36 0.43 0.35
N PHE C 133 -20.61 -0.80 0.75
CA PHE C 133 -19.74 -1.92 0.41
C PHE C 133 -20.51 -2.74 -0.63
N CYS C 134 -20.40 -2.32 -1.88
CA CYS C 134 -21.15 -2.92 -2.97
C CYS C 134 -20.36 -4.10 -3.53
N PHE C 135 -21.08 -5.11 -3.98
CA PHE C 135 -20.46 -6.27 -4.60
C PHE C 135 -20.78 -6.28 -6.09
N VAL C 136 -19.79 -6.01 -6.92
CA VAL C 136 -19.93 -6.02 -8.37
C VAL C 136 -19.35 -7.34 -8.89
N PRO C 137 -20.18 -8.27 -9.36
CA PRO C 137 -19.66 -9.58 -9.77
C PRO C 137 -19.04 -9.54 -11.16
N GLY C 138 -18.65 -10.73 -11.62
CA GLY C 138 -18.10 -10.90 -12.94
C GLY C 138 -16.69 -11.45 -12.89
N ASN C 139 -15.81 -10.84 -13.67
CA ASN C 139 -14.41 -11.23 -13.73
C ASN C 139 -13.52 -10.09 -13.23
N GLU C 140 -12.21 -10.29 -13.39
CA GLU C 140 -11.24 -9.29 -12.97
C GLU C 140 -10.98 -8.22 -14.01
N LEU C 141 -11.52 -8.35 -15.22
CA LEU C 141 -11.19 -7.43 -16.31
C LEU C 141 -12.46 -6.92 -17.00
N ILE C 142 -13.02 -5.84 -16.43
CA ILE C 142 -14.01 -5.01 -17.09
C ILE C 142 -13.60 -3.56 -16.87
N ASP C 143 -14.45 -2.64 -17.31
CA ASP C 143 -14.27 -1.22 -16.99
C ASP C 143 -15.16 -0.90 -15.79
N VAL C 144 -14.68 -1.32 -14.61
CA VAL C 144 -15.50 -1.28 -13.41
C VAL C 144 -15.63 0.13 -12.85
N THR C 145 -14.75 1.05 -13.23
CA THR C 145 -14.72 2.38 -12.66
C THR C 145 -15.65 3.36 -13.36
N GLY C 146 -16.62 2.87 -14.12
CA GLY C 146 -17.65 3.68 -14.74
C GLY C 146 -19.03 3.48 -14.16
N ILE C 147 -19.14 2.78 -13.02
CA ILE C 147 -20.44 2.45 -12.43
C ILE C 147 -20.94 3.66 -11.64
N THR C 148 -22.19 4.05 -11.89
CA THR C 148 -22.81 5.12 -11.12
C THR C 148 -23.18 4.59 -9.73
N LEU C 149 -23.24 5.50 -8.75
CA LEU C 149 -23.48 5.10 -7.36
C LEU C 149 -24.90 4.55 -7.17
N LYS C 150 -25.87 5.06 -7.94
CA LYS C 150 -27.23 4.53 -7.85
C LYS C 150 -27.39 3.25 -8.66
N GLN C 151 -26.55 3.03 -9.67
CA GLN C 151 -26.51 1.73 -10.33
C GLN C 151 -25.92 0.64 -9.46
N ALA C 152 -25.12 1.01 -8.46
CA ALA C 152 -24.59 0.05 -7.50
C ALA C 152 -25.62 -0.40 -6.49
N THR C 153 -26.76 0.30 -6.40
CA THR C 153 -27.83 -0.08 -5.50
C THR C 153 -28.61 -1.31 -5.96
N THR C 154 -28.49 -1.68 -7.24
CA THR C 154 -29.13 -2.90 -7.72
C THR C 154 -28.38 -4.14 -7.24
N ALA C 155 -27.05 -4.06 -7.22
CA ALA C 155 -26.20 -5.14 -6.73
C ALA C 155 -26.34 -5.28 -5.21
N PRO C 156 -26.05 -6.47 -4.65
CA PRO C 156 -26.09 -6.62 -3.20
C PRO C 156 -24.99 -5.84 -2.50
N CYS C 157 -25.31 -5.33 -1.31
CA CYS C 157 -24.46 -4.35 -0.65
C CYS C 157 -24.74 -4.38 0.85
N ALA C 158 -24.11 -3.44 1.56
CA ALA C 158 -24.31 -3.28 3.00
C ALA C 158 -23.93 -1.86 3.40
N VAL C 159 -24.82 -1.18 4.11
CA VAL C 159 -24.53 0.15 4.62
C VAL C 159 -23.83 0.03 5.96
N MET C 160 -23.21 1.12 6.42
CA MET C 160 -22.39 1.10 7.63
C MET C 160 -22.24 2.53 8.15
N ASP C 161 -22.40 2.71 9.45
CA ASP C 161 -22.07 3.99 10.06
C ASP C 161 -20.65 3.95 10.62
N ILE C 162 -19.91 5.04 10.43
CA ILE C 162 -18.53 5.11 10.91
C ILE C 162 -18.52 5.31 12.43
N ALA C 163 -19.36 6.20 12.94
CA ALA C 163 -19.42 6.46 14.37
C ALA C 163 -20.06 5.28 15.10
N GLY C 164 -19.69 5.13 16.38
CA GLY C 164 -20.17 4.05 17.20
C GLY C 164 -19.03 3.38 17.96
N VAL C 165 -19.36 2.29 18.66
CA VAL C 165 -18.41 1.56 19.48
C VAL C 165 -18.17 0.15 18.96
N GLN C 166 -18.44 -0.12 17.70
CA GLN C 166 -18.11 -1.39 17.05
C GLN C 166 -17.47 -1.05 15.70
N SER C 167 -16.24 -1.55 15.48
CA SER C 167 -15.50 -1.17 14.30
C SER C 167 -15.69 -2.17 13.15
N THR C 168 -15.40 -3.45 13.40
CA THR C 168 -15.33 -4.45 12.34
C THR C 168 -16.71 -4.90 11.86
N LEU C 169 -16.96 -4.70 10.57
CA LEU C 169 -18.14 -5.23 9.89
C LEU C 169 -17.69 -6.44 9.07
N ARG C 170 -18.12 -7.63 9.48
CA ARG C 170 -17.70 -8.85 8.82
C ARG C 170 -18.49 -9.07 7.53
N PHE C 171 -18.00 -8.53 6.42
CA PHE C 171 -18.67 -8.64 5.13
C PHE C 171 -18.29 -9.95 4.45
N ARG C 172 -19.29 -10.77 4.14
CA ARG C 172 -19.10 -12.10 3.59
C ARG C 172 -19.39 -12.08 2.08
N VAL C 173 -18.61 -12.83 1.31
CA VAL C 173 -18.71 -12.82 -0.14
C VAL C 173 -19.44 -14.09 -0.59
N PRO C 174 -20.58 -13.98 -1.27
CA PRO C 174 -21.21 -15.17 -1.85
C PRO C 174 -20.47 -15.63 -3.11
N TRP C 175 -20.76 -16.87 -3.48
CA TRP C 175 -20.18 -17.48 -4.69
C TRP C 175 -21.05 -17.12 -5.87
N ILE C 176 -20.81 -15.96 -6.46
CA ILE C 176 -21.46 -15.55 -7.70
C ILE C 176 -20.52 -15.92 -8.84
N SER C 177 -20.90 -16.93 -9.59
CA SER C 177 -19.98 -17.55 -10.55
C SER C 177 -20.80 -18.24 -11.64
N ASP C 178 -20.18 -18.44 -12.80
CA ASP C 178 -20.79 -19.19 -13.90
C ASP C 178 -20.24 -20.62 -13.94
N THR C 179 -19.00 -20.80 -13.47
CA THR C 179 -18.38 -22.11 -13.42
C THR C 179 -18.27 -22.57 -11.97
N PRO C 180 -18.50 -23.86 -11.70
CA PRO C 180 -18.38 -24.35 -10.30
C PRO C 180 -16.96 -24.42 -9.80
N TYR C 181 -15.98 -24.63 -10.68
CA TYR C 181 -14.57 -24.72 -10.31
C TYR C 181 -13.83 -23.53 -10.91
N ARG C 182 -13.20 -22.74 -10.04
CA ARG C 182 -12.54 -21.51 -10.44
C ARG C 182 -11.03 -21.72 -10.38
N VAL C 183 -10.37 -21.49 -11.51
CA VAL C 183 -9.02 -21.98 -11.77
C VAL C 183 -7.99 -20.97 -11.28
N ASN C 184 -6.81 -21.47 -10.94
CA ASN C 184 -5.64 -20.65 -10.69
C ASN C 184 -5.03 -20.26 -12.04
N ARG C 185 -5.38 -19.07 -12.53
CA ARG C 185 -4.90 -18.61 -13.83
C ARG C 185 -3.52 -17.96 -13.73
N TYR C 186 -3.10 -17.55 -12.53
CA TYR C 186 -1.82 -16.87 -12.31
C TYR C 186 -0.60 -17.74 -12.60
N THR C 187 -0.76 -19.05 -12.79
CA THR C 187 0.34 -19.86 -13.29
C THR C 187 0.67 -19.51 -14.73
N LYS C 188 -0.36 -19.23 -15.53
CA LYS C 188 -0.18 -18.82 -16.92
C LYS C 188 0.26 -17.35 -16.98
N GLU C 189 0.65 -16.91 -18.17
CA GLU C 189 1.03 -15.51 -18.40
C GLU C 189 0.25 -14.88 -19.55
N ALA C 190 -0.75 -15.59 -20.07
CA ALA C 190 -1.58 -15.09 -21.16
C ALA C 190 -3.03 -15.08 -20.71
N HIS C 191 -3.71 -13.96 -20.94
CA HIS C 191 -5.12 -13.84 -20.58
C HIS C 191 -5.98 -14.69 -21.52
N GLN C 192 -7.08 -15.21 -20.97
CA GLN C 192 -7.96 -16.08 -21.72
C GLN C 192 -9.36 -15.98 -21.15
N LYS C 193 -10.32 -15.69 -22.03
CA LYS C 193 -11.72 -15.65 -21.64
C LYS C 193 -12.21 -17.06 -21.35
N GLY C 194 -12.93 -17.22 -20.25
CA GLY C 194 -13.38 -18.53 -19.82
C GLY C 194 -12.74 -18.95 -18.51
N GLU C 195 -11.45 -18.65 -18.36
CA GLU C 195 -10.74 -18.92 -17.11
C GLU C 195 -10.56 -17.62 -16.34
N TYR C 196 -11.09 -17.59 -15.11
CA TYR C 196 -11.09 -16.41 -14.25
C TYR C 196 -10.40 -16.78 -12.94
N THR C 197 -10.23 -15.78 -12.07
CA THR C 197 -9.79 -15.97 -10.69
C THR C 197 -10.62 -15.22 -9.67
N ALA C 198 -11.31 -14.15 -10.04
CA ALA C 198 -12.14 -13.37 -9.13
C ALA C 198 -13.61 -13.60 -9.44
N ILE C 199 -14.38 -13.93 -8.40
CA ILE C 199 -15.83 -14.11 -8.57
C ILE C 199 -16.58 -12.82 -8.31
N GLY C 200 -15.90 -11.70 -8.19
CA GLY C 200 -16.54 -10.42 -7.94
C GLY C 200 -15.52 -9.38 -7.60
N LYS C 201 -15.97 -8.12 -7.63
CA LYS C 201 -15.11 -6.99 -7.31
C LYS C 201 -15.78 -6.05 -6.32
N LEU C 202 -15.04 -5.75 -5.25
CA LEU C 202 -15.49 -4.90 -4.16
C LEU C 202 -15.11 -3.45 -4.43
N ILE C 203 -16.07 -2.55 -4.21
CA ILE C 203 -15.84 -1.11 -4.32
C ILE C 203 -16.37 -0.44 -3.07
N VAL C 204 -15.46 0.18 -2.31
CA VAL C 204 -15.84 1.00 -1.16
C VAL C 204 -16.09 2.41 -1.68
N TYR C 205 -17.35 2.79 -1.76
CA TYR C 205 -17.74 4.08 -2.31
C TYR C 205 -17.65 5.15 -1.24
N CYS C 206 -17.63 6.41 -1.69
CA CYS C 206 -17.71 7.55 -0.79
C CYS C 206 -19.19 7.91 -0.68
N TYR C 207 -19.93 7.10 0.08
CA TYR C 207 -21.36 7.26 0.25
C TYR C 207 -21.73 8.58 0.93
N ASN C 208 -20.87 9.05 1.83
CA ASN C 208 -20.99 10.36 2.46
C ASN C 208 -19.58 10.88 2.73
N ARG C 209 -19.47 12.17 3.04
CA ARG C 209 -18.17 12.78 3.29
C ARG C 209 -17.79 12.67 4.76
N LEU C 210 -16.57 13.11 5.08
CA LEU C 210 -16.05 13.00 6.44
C LEU C 210 -16.18 14.33 7.17
N THR C 211 -16.98 14.36 8.23
CA THR C 211 -17.09 15.50 9.12
C THR C 211 -16.28 15.22 10.38
N SER C 212 -15.59 16.24 10.88
CA SER C 212 -14.59 16.03 11.92
C SER C 212 -14.40 17.34 12.68
N PRO C 213 -13.91 17.27 13.92
CA PRO C 213 -13.46 18.50 14.60
C PRO C 213 -12.09 18.95 14.09
N SER C 214 -11.64 20.07 14.66
CA SER C 214 -10.40 20.70 14.20
C SER C 214 -9.17 20.06 14.82
N ASN C 215 -9.28 19.56 16.05
CA ASN C 215 -8.13 19.07 16.80
C ASN C 215 -7.78 17.61 16.52
N VAL C 216 -8.31 17.03 15.45
CA VAL C 216 -7.91 15.71 14.98
C VAL C 216 -7.50 15.83 13.53
N ALA C 217 -7.12 14.71 12.90
CA ALA C 217 -6.73 14.73 11.50
C ALA C 217 -7.96 14.63 10.60
N HIS C 218 -7.72 14.68 9.29
CA HIS C 218 -8.79 14.63 8.30
C HIS C 218 -8.83 13.31 7.53
N HIS C 219 -8.47 12.20 8.17
CA HIS C 219 -8.47 10.90 7.52
C HIS C 219 -8.75 9.80 8.53
N VAL C 220 -9.52 8.81 8.09
CA VAL C 220 -9.86 7.63 8.89
C VAL C 220 -9.38 6.41 8.12
N ARG C 221 -8.42 5.69 8.69
CA ARG C 221 -7.84 4.53 8.00
C ARG C 221 -8.70 3.30 8.18
N VAL C 222 -8.91 2.58 7.08
CA VAL C 222 -9.67 1.34 7.08
C VAL C 222 -8.72 0.21 6.73
N ASN C 223 -8.60 -0.77 7.63
CA ASN C 223 -7.81 -1.96 7.36
C ASN C 223 -8.64 -2.99 6.62
N VAL C 224 -7.96 -3.89 5.92
CA VAL C 224 -8.59 -4.97 5.19
C VAL C 224 -8.02 -6.28 5.71
N TYR C 225 -8.76 -6.96 6.58
CA TYR C 225 -8.41 -8.32 6.95
C TYR C 225 -8.82 -9.28 5.83
N LEU C 226 -8.56 -10.57 6.02
CA LEU C 226 -8.98 -11.56 5.04
C LEU C 226 -9.25 -12.86 5.76
N SER C 227 -10.50 -13.32 5.70
CA SER C 227 -10.88 -14.61 6.27
C SER C 227 -11.87 -15.27 5.31
N ALA C 228 -12.07 -16.57 5.51
CA ALA C 228 -12.86 -17.36 4.56
C ALA C 228 -13.67 -18.40 5.31
N ILE C 229 -14.75 -18.86 4.67
CA ILE C 229 -15.60 -19.92 5.21
C ILE C 229 -16.10 -20.77 4.04
N ASN C 230 -16.39 -22.05 4.34
CA ASN C 230 -16.82 -23.06 3.36
C ASN C 230 -15.82 -23.24 2.22
N LEU C 231 -14.54 -23.18 2.54
CA LEU C 231 -13.48 -23.15 1.52
C LEU C 231 -13.12 -24.57 1.08
N GLU C 232 -12.80 -24.73 -0.20
CA GLU C 232 -12.50 -26.03 -0.79
C GLU C 232 -11.49 -25.87 -1.91
N CYS C 233 -10.43 -26.70 -1.87
CA CYS C 233 -9.35 -26.62 -2.85
C CYS C 233 -8.81 -28.01 -3.14
N PHE C 234 -8.49 -28.26 -4.42
CA PHE C 234 -7.94 -29.54 -4.85
C PHE C 234 -7.00 -29.29 -6.03
N ALA C 235 -6.44 -30.38 -6.56
CA ALA C 235 -5.49 -30.44 -7.68
C ALA C 235 -4.24 -29.60 -7.41
N PRO C 236 -3.33 -30.06 -6.54
CA PRO C 236 -2.23 -29.22 -6.08
C PRO C 236 -1.19 -28.90 -7.16
N LEU C 237 -0.45 -27.81 -6.92
CA LEU C 237 0.63 -27.36 -7.77
C LEU C 237 1.69 -26.70 -6.89
N TYR C 238 2.58 -25.92 -7.51
CA TYR C 238 3.44 -24.97 -6.81
C TYR C 238 3.51 -23.70 -7.63
N HIS C 239 3.17 -22.57 -7.01
CA HIS C 239 3.33 -21.28 -7.67
C HIS C 239 3.53 -20.20 -6.62
N ALA C 240 4.66 -19.49 -6.72
CA ALA C 240 4.92 -18.33 -5.86
C ALA C 240 4.18 -17.13 -6.46
N MET C 241 3.19 -16.62 -5.72
CA MET C 241 2.36 -15.53 -6.21
C MET C 241 3.13 -14.20 -6.25
N ASP C 242 2.61 -13.27 -7.05
CA ASP C 242 3.18 -11.95 -7.21
C ASP C 242 2.29 -10.92 -6.52
N VAL C 243 2.87 -9.77 -6.18
CA VAL C 243 2.14 -8.72 -5.51
C VAL C 243 1.20 -8.02 -6.49
N THR C 244 -0.09 -8.05 -6.18
CA THR C 244 -1.10 -7.38 -6.99
C THR C 244 -1.10 -5.90 -6.64
N THR C 245 -0.59 -5.07 -7.56
CA THR C 245 -0.52 -3.63 -7.36
C THR C 245 -1.73 -2.89 -7.92
N GLN C 246 -2.87 -3.58 -8.06
CA GLN C 246 -4.15 -3.12 -8.66
C GLN C 246 -4.07 -2.23 -9.91
N ASP D 1 -24.64 18.79 -27.07
CA ASP D 1 -25.10 19.32 -28.35
C ASP D 1 -25.87 20.62 -28.14
N ILE D 2 -26.47 20.74 -26.97
CA ILE D 2 -27.21 21.94 -26.58
C ILE D 2 -26.21 22.90 -25.94
N VAL D 3 -26.48 24.19 -26.03
CA VAL D 3 -25.48 25.23 -25.78
C VAL D 3 -25.73 25.83 -24.40
N LEU D 4 -24.68 25.89 -23.59
CA LEU D 4 -24.71 26.54 -22.28
C LEU D 4 -24.10 27.93 -22.40
N THR D 5 -24.91 28.96 -22.16
CA THR D 5 -24.43 30.33 -22.15
C THR D 5 -24.48 30.90 -20.73
N GLN D 6 -23.81 32.03 -20.53
CA GLN D 6 -23.74 32.70 -19.23
C GLN D 6 -24.06 34.17 -19.44
N SER D 7 -25.06 34.67 -18.72
CA SER D 7 -25.59 36.02 -18.96
C SER D 7 -24.65 37.15 -18.49
N PRO D 8 -23.94 37.06 -17.35
CA PRO D 8 -22.88 38.04 -17.12
C PRO D 8 -21.63 37.69 -17.92
N ALA D 9 -21.14 38.66 -18.71
CA ALA D 9 -19.90 38.49 -19.44
C ALA D 9 -18.71 39.07 -18.69
N ILE D 10 -18.76 40.38 -18.43
CA ILE D 10 -17.72 41.08 -17.67
C ILE D 10 -18.41 41.83 -16.53
N MET D 11 -18.06 41.47 -15.30
CA MET D 11 -18.69 42.07 -14.12
C MET D 11 -17.61 42.58 -13.18
N SER D 12 -17.81 43.81 -12.69
CA SER D 12 -16.91 44.43 -11.74
C SER D 12 -17.68 44.77 -10.47
N ALA D 13 -17.27 44.17 -9.35
CA ALA D 13 -18.02 44.28 -8.11
C ALA D 13 -17.11 44.66 -6.96
N SER D 14 -17.61 45.61 -6.12
CA SER D 14 -17.00 46.21 -4.94
C SER D 14 -16.82 45.16 -3.85
N PRO D 15 -15.80 45.31 -2.99
CA PRO D 15 -15.64 44.37 -1.86
C PRO D 15 -16.74 44.49 -0.81
N GLY D 16 -17.43 43.40 -0.54
CA GLY D 16 -18.43 43.34 0.50
C GLY D 16 -19.88 43.40 0.06
N GLU D 17 -20.16 43.20 -1.22
CA GLU D 17 -21.52 43.30 -1.75
C GLU D 17 -21.91 41.99 -2.41
N LYS D 18 -23.18 41.89 -2.78
CA LYS D 18 -23.75 40.66 -3.28
C LYS D 18 -23.53 40.52 -4.77
N VAL D 19 -22.96 39.38 -5.19
CA VAL D 19 -22.65 39.08 -6.57
C VAL D 19 -23.40 37.81 -6.96
N THR D 20 -24.03 37.81 -8.14
CA THR D 20 -24.74 36.64 -8.62
C THR D 20 -24.65 36.58 -10.14
N MET D 21 -24.14 35.47 -10.66
CA MET D 21 -24.14 35.18 -12.09
C MET D 21 -25.12 34.04 -12.37
N THR D 22 -25.29 33.74 -13.66
CA THR D 22 -26.28 32.76 -14.09
C THR D 22 -25.77 31.99 -15.29
N CYS D 23 -25.72 30.66 -15.18
CA CYS D 23 -25.53 29.80 -16.34
C CYS D 23 -26.90 29.35 -16.84
N SER D 24 -27.35 29.97 -17.91
CA SER D 24 -28.70 29.72 -18.45
C SER D 24 -28.58 28.65 -19.52
N ALA D 25 -29.08 27.46 -19.21
CA ALA D 25 -29.23 26.44 -20.22
C ALA D 25 -30.36 26.82 -21.17
N THR D 26 -30.30 26.29 -22.39
CA THR D 26 -31.43 26.36 -23.31
C THR D 26 -32.19 25.05 -23.35
N SER D 27 -32.06 24.23 -22.29
CA SER D 27 -32.81 22.99 -22.15
C SER D 27 -32.98 22.70 -20.66
N GLY D 28 -33.76 21.66 -20.35
CA GLY D 28 -33.88 21.22 -18.97
C GLY D 28 -32.67 20.40 -18.59
N LEU D 29 -31.92 20.88 -17.60
CA LEU D 29 -30.70 20.23 -17.14
C LEU D 29 -30.86 19.86 -15.68
N SER D 30 -30.18 18.78 -15.26
CA SER D 30 -30.31 18.33 -13.88
C SER D 30 -29.35 19.08 -12.96
N TYR D 31 -28.04 18.91 -13.18
CA TYR D 31 -26.99 19.39 -12.29
C TYR D 31 -25.89 20.07 -13.11
N ILE D 32 -25.75 21.38 -12.97
CA ILE D 32 -24.80 22.14 -13.78
C ILE D 32 -23.62 22.55 -12.92
N HIS D 33 -22.44 22.09 -13.28
CA HIS D 33 -21.21 22.31 -12.55
C HIS D 33 -20.68 23.71 -12.80
N TRP D 34 -19.58 24.04 -12.12
CA TRP D 34 -18.93 25.33 -12.26
C TRP D 34 -17.44 25.13 -12.04
N TYR D 35 -16.65 26.09 -12.53
CA TYR D 35 -15.21 26.04 -12.43
C TYR D 35 -14.68 27.42 -12.03
N GLN D 36 -13.36 27.51 -11.88
CA GLN D 36 -12.68 28.77 -11.57
C GLN D 36 -11.36 28.81 -12.31
N GLN D 37 -11.27 29.58 -13.41
CA GLN D 37 -10.00 29.77 -14.12
C GLN D 37 -9.34 31.01 -13.54
N LYS D 38 -8.40 30.79 -12.62
CA LYS D 38 -7.54 31.88 -12.16
C LYS D 38 -6.60 32.31 -13.27
N SER D 39 -6.16 33.57 -13.20
CA SER D 39 -5.34 34.16 -14.26
C SER D 39 -3.94 33.57 -14.22
N GLY D 40 -3.67 32.63 -15.13
CA GLY D 40 -2.37 31.99 -15.24
C GLY D 40 -2.34 30.52 -14.89
N THR D 41 -3.34 30.01 -14.20
CA THR D 41 -3.38 28.61 -13.80
C THR D 41 -4.60 27.92 -14.41
N SER D 42 -4.71 26.62 -14.16
CA SER D 42 -5.81 25.81 -14.65
C SER D 42 -6.92 25.70 -13.62
N PRO D 43 -8.17 25.49 -14.06
CA PRO D 43 -9.25 25.24 -13.10
C PRO D 43 -9.10 23.92 -12.35
N LYS D 44 -9.63 23.91 -11.14
CA LYS D 44 -9.44 22.83 -10.17
C LYS D 44 -10.79 22.40 -9.61
N ARG D 45 -10.79 21.71 -8.47
CA ARG D 45 -12.03 21.41 -7.76
C ARG D 45 -12.69 22.68 -7.27
N TRP D 46 -13.78 23.10 -7.90
CA TRP D 46 -14.44 24.35 -7.51
C TRP D 46 -15.87 24.14 -7.06
N ILE D 47 -16.74 23.60 -7.92
CA ILE D 47 -18.16 23.39 -7.63
C ILE D 47 -18.60 22.12 -8.31
N TYR D 48 -19.22 21.21 -7.56
CA TYR D 48 -19.96 20.13 -8.20
C TYR D 48 -21.44 20.26 -7.82
N ASP D 49 -22.21 19.20 -8.07
CA ASP D 49 -23.44 19.26 -8.88
C ASP D 49 -24.25 20.55 -8.94
N THR D 50 -24.85 21.00 -7.84
CA THR D 50 -25.51 22.30 -7.89
C THR D 50 -25.13 23.15 -6.67
N SER D 51 -25.00 22.48 -5.52
CA SER D 51 -24.78 23.14 -4.24
C SER D 51 -23.68 22.47 -3.43
N LYS D 52 -22.87 21.63 -4.06
CA LYS D 52 -21.82 20.89 -3.37
C LYS D 52 -20.47 21.49 -3.76
N LEU D 53 -19.91 22.28 -2.85
CA LEU D 53 -18.62 22.91 -3.05
C LEU D 53 -17.50 21.87 -2.92
N ALA D 54 -16.27 22.32 -3.12
CA ALA D 54 -15.10 21.49 -2.88
C ALA D 54 -14.72 21.58 -1.41
N PHE D 55 -13.61 20.95 -1.03
CA PHE D 55 -13.14 21.01 0.34
C PHE D 55 -12.27 22.23 0.61
N GLY D 56 -11.51 22.67 -0.39
CA GLY D 56 -10.70 23.86 -0.26
C GLY D 56 -11.36 25.15 -0.67
N ALA D 57 -12.60 25.08 -1.14
CA ALA D 57 -13.33 26.29 -1.52
C ALA D 57 -13.86 26.98 -0.28
N PRO D 58 -13.91 28.32 -0.27
CA PRO D 58 -14.43 29.03 0.90
C PRO D 58 -15.92 28.84 1.08
N ALA D 59 -16.33 28.64 2.33
CA ALA D 59 -17.73 28.36 2.66
C ALA D 59 -18.62 29.60 2.63
N ARG D 60 -18.13 30.75 2.17
CA ARG D 60 -18.95 31.95 2.05
C ARG D 60 -19.80 31.98 0.80
N PHE D 61 -19.70 30.98 -0.08
CA PHE D 61 -20.42 30.99 -1.34
C PHE D 61 -21.73 30.21 -1.22
N SER D 62 -22.61 30.41 -2.20
CA SER D 62 -23.90 29.75 -2.23
C SER D 62 -24.25 29.38 -3.67
N GLY D 63 -24.88 28.22 -3.83
CA GLY D 63 -25.36 27.78 -5.12
C GLY D 63 -26.70 27.10 -4.96
N SER D 64 -27.63 27.37 -5.87
CA SER D 64 -28.97 26.83 -5.78
C SER D 64 -29.59 26.81 -7.17
N GLY D 65 -30.90 26.58 -7.23
CA GLY D 65 -31.63 26.60 -8.48
C GLY D 65 -32.23 25.24 -8.80
N SER D 66 -33.36 25.25 -9.51
CA SER D 66 -34.05 24.06 -9.94
C SER D 66 -34.45 24.20 -11.39
N GLY D 67 -34.32 23.11 -12.15
CA GLY D 67 -34.71 23.10 -13.54
C GLY D 67 -33.69 23.69 -14.49
N THR D 68 -34.06 24.77 -15.17
CA THR D 68 -33.20 25.32 -16.22
C THR D 68 -32.14 26.25 -15.67
N SER D 69 -32.55 27.35 -15.06
CA SER D 69 -31.65 28.44 -14.70
C SER D 69 -31.06 28.19 -13.31
N TYR D 70 -29.74 28.15 -13.23
CA TYR D 70 -29.02 27.98 -11.98
C TYR D 70 -28.20 29.23 -11.68
N SER D 71 -27.97 29.48 -10.39
CA SER D 71 -27.26 30.69 -9.99
C SER D 71 -26.24 30.34 -8.91
N LEU D 72 -25.03 30.91 -9.05
CA LEU D 72 -23.96 30.78 -8.05
C LEU D 72 -23.92 32.12 -7.33
N THR D 73 -24.67 32.21 -6.23
CA THR D 73 -24.85 33.46 -5.50
C THR D 73 -23.71 33.65 -4.50
N ILE D 74 -22.99 34.76 -4.64
CA ILE D 74 -21.90 35.12 -3.73
C ILE D 74 -22.50 35.96 -2.61
N SER D 75 -22.24 35.57 -1.36
CA SER D 75 -22.77 36.29 -0.22
C SER D 75 -21.78 37.33 0.29
N SER D 76 -20.49 37.05 0.16
CA SER D 76 -19.43 37.94 0.65
C SER D 76 -18.37 38.11 -0.43
N MET D 77 -18.32 39.29 -1.04
CA MET D 77 -17.32 39.55 -2.06
C MET D 77 -15.97 39.88 -1.44
N GLU D 78 -14.92 39.25 -1.95
CA GLU D 78 -13.57 39.39 -1.42
C GLU D 78 -12.62 39.73 -2.56
N ALA D 79 -11.31 39.66 -2.27
CA ALA D 79 -10.31 40.09 -3.24
C ALA D 79 -9.77 38.92 -4.05
N GLU D 80 -9.93 37.70 -3.55
CA GLU D 80 -9.38 36.51 -4.22
C GLU D 80 -10.34 35.91 -5.24
N ASP D 81 -11.43 36.59 -5.59
CA ASP D 81 -12.41 36.08 -6.54
C ASP D 81 -12.27 36.68 -7.92
N ALA D 82 -11.14 37.32 -8.23
CA ALA D 82 -10.91 37.88 -9.55
C ALA D 82 -10.51 36.76 -10.50
N ALA D 83 -11.49 36.01 -11.00
CA ALA D 83 -11.22 34.88 -11.87
C ALA D 83 -12.43 34.63 -12.75
N THR D 84 -12.26 33.75 -13.74
CA THR D 84 -13.28 33.44 -14.73
C THR D 84 -13.86 32.05 -14.44
N TYR D 85 -15.18 31.96 -14.43
CA TYR D 85 -15.87 30.72 -14.15
C TYR D 85 -16.42 30.11 -15.44
N TYR D 86 -16.75 28.82 -15.38
CA TYR D 86 -17.38 28.11 -16.48
C TYR D 86 -18.59 27.34 -15.94
N CYS D 87 -19.35 26.72 -16.84
CA CYS D 87 -20.47 25.86 -16.46
C CYS D 87 -20.67 24.74 -17.48
N GLN D 88 -20.96 23.55 -16.96
CA GLN D 88 -20.88 22.30 -17.71
C GLN D 88 -22.12 21.44 -17.46
N GLN D 89 -22.57 20.75 -18.50
CA GLN D 89 -23.56 19.69 -18.37
C GLN D 89 -22.90 18.33 -18.65
N TRP D 90 -23.62 17.26 -18.31
CA TRP D 90 -23.08 15.90 -18.42
C TRP D 90 -24.13 14.92 -18.95
N ASP D 91 -24.83 15.30 -20.02
CA ASP D 91 -25.98 14.50 -20.44
C ASP D 91 -26.07 14.19 -21.93
N VAL D 92 -25.12 14.63 -22.74
CA VAL D 92 -25.21 14.43 -24.19
C VAL D 92 -23.96 13.64 -24.54
N ASN D 93 -23.68 13.44 -25.83
CA ASN D 93 -22.30 13.04 -26.14
C ASN D 93 -21.35 14.25 -26.17
N PRO D 94 -21.59 15.38 -26.98
CA PRO D 94 -20.57 16.46 -27.00
C PRO D 94 -20.63 17.47 -25.85
N TYR D 95 -19.91 17.19 -24.76
CA TYR D 95 -19.94 18.05 -23.57
C TYR D 95 -19.34 19.43 -23.79
N THR D 96 -20.19 20.43 -24.00
CA THR D 96 -19.75 21.80 -24.23
C THR D 96 -19.87 22.61 -22.95
N PHE D 97 -18.96 23.55 -22.77
CA PHE D 97 -18.88 24.26 -21.52
C PHE D 97 -19.59 25.60 -21.67
N GLY D 98 -19.43 26.45 -20.66
CA GLY D 98 -20.05 27.75 -20.67
C GLY D 98 -19.26 28.78 -21.45
N GLY D 99 -19.78 30.00 -21.42
CA GLY D 99 -19.17 31.12 -22.11
C GLY D 99 -18.05 31.82 -21.36
N GLY D 100 -18.11 31.85 -20.03
CA GLY D 100 -17.07 32.52 -19.25
C GLY D 100 -17.46 33.89 -18.74
N THR D 101 -17.54 34.03 -17.41
CA THR D 101 -17.84 35.30 -16.76
C THR D 101 -16.59 35.81 -16.06
N LYS D 102 -16.03 36.90 -16.57
CA LYS D 102 -14.83 37.50 -15.98
C LYS D 102 -15.25 38.46 -14.89
N LEU D 103 -15.25 37.98 -13.65
CA LEU D 103 -15.59 38.78 -12.48
C LEU D 103 -14.31 39.38 -11.91
N GLU D 104 -14.24 40.70 -11.83
CA GLU D 104 -13.08 41.40 -11.32
C GLU D 104 -13.48 42.27 -10.13
N ILE D 105 -12.53 43.06 -9.64
CA ILE D 105 -12.71 43.87 -8.43
C ILE D 105 -13.00 45.30 -8.84
N LYS D 106 -14.14 45.83 -8.40
CA LYS D 106 -14.44 47.25 -8.60
C LYS D 106 -13.78 48.07 -7.51
N ARG D 107 -12.66 48.69 -7.85
CA ARG D 107 -11.99 49.66 -7.01
C ARG D 107 -12.43 51.06 -7.48
N ALA D 108 -12.19 52.07 -6.64
CA ALA D 108 -12.55 53.44 -6.98
C ALA D 108 -11.73 53.96 -8.17
N ASP D 109 -12.18 55.09 -8.71
CA ASP D 109 -11.62 55.61 -9.95
C ASP D 109 -10.21 56.18 -9.74
N ALA D 110 -9.27 55.73 -10.56
CA ALA D 110 -7.88 56.13 -10.47
C ALA D 110 -7.43 56.71 -11.81
N ALA D 111 -6.62 57.77 -11.75
CA ALA D 111 -6.18 58.46 -12.95
C ALA D 111 -5.19 57.59 -13.74
N PRO D 112 -5.24 57.65 -15.07
CA PRO D 112 -4.27 56.90 -15.87
C PRO D 112 -2.90 57.55 -15.87
N THR D 113 -1.89 56.71 -16.08
CA THR D 113 -0.51 57.15 -16.17
C THR D 113 -0.07 57.04 -17.62
N VAL D 114 0.41 58.14 -18.19
CA VAL D 114 0.81 58.20 -19.59
C VAL D 114 2.29 58.46 -19.66
N SER D 115 3.03 57.51 -20.24
CA SER D 115 4.42 57.72 -20.65
C SER D 115 4.50 57.27 -22.10
N ILE D 116 4.12 58.16 -23.01
CA ILE D 116 4.10 57.85 -24.43
C ILE D 116 5.46 58.17 -25.03
N PHE D 117 6.05 57.17 -25.70
CA PHE D 117 7.42 57.22 -26.16
C PHE D 117 7.46 57.12 -27.68
N PRO D 118 8.53 57.64 -28.29
CA PRO D 118 8.77 57.37 -29.72
C PRO D 118 9.18 55.93 -29.92
N PRO D 119 9.12 55.43 -31.16
CA PRO D 119 9.75 54.15 -31.47
C PRO D 119 11.27 54.27 -31.39
N SER D 120 11.94 53.12 -31.37
CA SER D 120 13.39 53.10 -31.23
C SER D 120 14.06 53.62 -32.51
N SER D 121 15.31 54.04 -32.35
CA SER D 121 16.13 54.35 -33.51
C SER D 121 16.50 53.10 -34.28
N GLU D 122 16.50 51.94 -33.61
CA GLU D 122 16.71 50.66 -34.27
C GLU D 122 15.54 50.20 -35.12
N GLN D 123 14.32 50.62 -34.78
CA GLN D 123 13.17 50.22 -35.57
C GLN D 123 13.05 51.05 -36.83
N LEU D 124 13.50 52.31 -36.80
CA LEU D 124 13.54 53.13 -38.00
C LEU D 124 14.63 52.68 -38.95
N THR D 125 15.68 52.04 -38.43
CA THR D 125 16.64 51.37 -39.31
C THR D 125 16.06 50.06 -39.84
N SER D 126 15.07 49.50 -39.14
CA SER D 126 14.35 48.33 -39.62
C SER D 126 13.17 48.71 -40.52
N GLY D 127 12.96 50.00 -40.77
CA GLY D 127 11.90 50.45 -41.65
C GLY D 127 10.54 50.53 -41.03
N GLY D 128 10.41 50.26 -39.72
CA GLY D 128 9.14 50.24 -39.06
C GLY D 128 9.07 51.28 -37.95
N ALA D 129 7.90 51.35 -37.33
CA ALA D 129 7.66 52.25 -36.21
C ALA D 129 6.48 51.72 -35.41
N SER D 130 6.64 51.68 -34.09
CA SER D 130 5.57 51.28 -33.17
C SER D 130 5.37 52.40 -32.15
N VAL D 131 4.41 53.27 -32.41
CA VAL D 131 4.13 54.37 -31.49
C VAL D 131 3.31 53.81 -30.32
N VAL D 132 3.94 53.65 -29.16
CA VAL D 132 3.31 53.00 -28.02
C VAL D 132 2.97 54.05 -26.98
N CYS D 133 1.71 54.05 -26.53
CA CYS D 133 1.26 54.87 -25.41
C CYS D 133 1.16 53.99 -24.17
N PHE D 134 2.07 54.19 -23.22
CA PHE D 134 2.04 53.44 -21.98
C PHE D 134 0.86 53.89 -21.12
N LEU D 135 0.05 52.93 -20.68
CA LEU D 135 -1.13 53.21 -19.87
C LEU D 135 -1.19 52.20 -18.74
N ASN D 136 -0.90 52.65 -17.53
CA ASN D 136 -0.81 51.78 -16.36
C ASN D 136 -1.50 52.46 -15.17
N ASN D 137 -1.84 51.64 -14.16
CA ASN D 137 -2.31 52.07 -12.84
C ASN D 137 -3.60 52.89 -12.92
N PHE D 138 -4.67 52.25 -13.38
CA PHE D 138 -5.94 52.95 -13.54
C PHE D 138 -7.11 51.98 -13.53
N TYR D 139 -8.26 52.48 -13.05
CA TYR D 139 -9.63 51.99 -13.12
C TYR D 139 -10.48 53.01 -13.90
N PRO D 140 -11.39 52.58 -14.79
CA PRO D 140 -11.68 51.21 -15.23
C PRO D 140 -10.79 50.72 -16.33
N LYS D 141 -10.97 49.44 -16.65
CA LYS D 141 -10.37 48.88 -17.86
C LYS D 141 -11.03 49.44 -19.10
N ASP D 142 -12.32 49.78 -19.01
CA ASP D 142 -13.11 50.26 -20.14
C ASP D 142 -12.70 51.69 -20.47
N ILE D 143 -11.76 51.84 -21.39
CA ILE D 143 -11.28 53.15 -21.83
C ILE D 143 -11.13 53.13 -23.35
N ASN D 144 -11.55 54.21 -24.00
CA ASN D 144 -11.55 54.33 -25.45
C ASN D 144 -10.54 55.41 -25.84
N VAL D 145 -9.29 54.99 -26.02
CA VAL D 145 -8.20 55.91 -26.36
C VAL D 145 -8.17 56.03 -27.89
N LYS D 146 -8.50 57.21 -28.39
CA LYS D 146 -8.38 57.51 -29.81
C LYS D 146 -7.13 58.34 -30.06
N TRP D 147 -6.59 58.23 -31.27
CA TRP D 147 -5.35 58.89 -31.64
C TRP D 147 -5.62 60.20 -32.36
N LYS D 148 -5.02 61.27 -31.86
CA LYS D 148 -5.09 62.60 -32.48
C LYS D 148 -3.79 62.79 -33.25
N ILE D 149 -3.81 62.42 -34.52
CA ILE D 149 -2.61 62.41 -35.36
C ILE D 149 -2.79 63.54 -36.37
N ASP D 150 -2.22 64.72 -36.05
CA ASP D 150 -2.37 65.97 -36.81
C ASP D 150 -3.84 66.35 -36.99
N GLY D 151 -4.62 66.19 -35.93
CA GLY D 151 -6.03 66.54 -35.96
C GLY D 151 -6.94 65.48 -36.54
N SER D 152 -6.43 64.31 -36.89
CA SER D 152 -7.21 63.22 -37.46
C SER D 152 -7.52 62.20 -36.37
N GLU D 153 -8.22 61.14 -36.77
CA GLU D 153 -8.59 60.04 -35.89
C GLU D 153 -8.38 58.73 -36.64
N ARG D 154 -7.36 57.97 -36.26
CA ARG D 154 -7.00 56.73 -36.94
C ARG D 154 -7.03 55.59 -35.93
N GLN D 155 -7.97 54.66 -36.11
CA GLN D 155 -8.08 53.49 -35.26
C GLN D 155 -7.50 52.23 -35.90
N ASN D 156 -6.77 52.38 -37.01
CA ASN D 156 -6.17 51.25 -37.69
C ASN D 156 -4.77 51.01 -37.15
N GLY D 157 -4.43 49.74 -36.95
CA GLY D 157 -3.12 49.37 -36.43
C GLY D 157 -2.90 49.72 -34.98
N VAL D 158 -3.98 49.89 -34.21
CA VAL D 158 -3.90 50.21 -32.80
C VAL D 158 -3.80 48.88 -32.06
N LEU D 159 -2.58 48.50 -31.71
CA LEU D 159 -2.35 47.22 -31.03
C LEU D 159 -2.65 47.39 -29.53
N ASN D 160 -3.59 46.59 -29.03
CA ASN D 160 -4.04 46.69 -27.65
C ASN D 160 -3.67 45.40 -26.93
N SER D 161 -2.50 45.40 -26.30
CA SER D 161 -2.04 44.27 -25.50
C SER D 161 -2.54 44.47 -24.08
N TRP D 162 -3.43 43.58 -23.64
CA TRP D 162 -4.12 43.72 -22.36
C TRP D 162 -3.61 42.73 -21.33
N THR D 163 -3.05 43.25 -20.25
CA THR D 163 -2.99 42.50 -19.00
C THR D 163 -4.33 42.65 -18.28
N ASP D 164 -4.53 41.81 -17.28
CA ASP D 164 -5.75 41.87 -16.48
C ASP D 164 -5.60 42.87 -15.33
N GLN D 165 -6.51 42.85 -14.38
CA GLN D 165 -6.38 43.68 -13.19
C GLN D 165 -5.22 43.16 -12.34
N ASP D 166 -4.39 44.06 -11.84
CA ASP D 166 -3.25 43.66 -11.04
C ASP D 166 -3.73 43.12 -9.70
N SER D 167 -3.07 42.06 -9.21
CA SER D 167 -3.53 41.41 -8.00
C SER D 167 -3.09 42.10 -6.72
N LYS D 168 -2.27 43.15 -6.81
CA LYS D 168 -1.76 43.82 -5.64
C LYS D 168 -2.48 45.14 -5.36
N ASP D 169 -2.48 46.07 -6.30
CA ASP D 169 -3.12 47.36 -6.11
C ASP D 169 -4.46 47.49 -6.81
N SER D 170 -4.96 46.40 -7.42
CA SER D 170 -6.28 46.32 -8.07
C SER D 170 -6.45 47.38 -9.16
N THR D 171 -5.44 47.50 -10.01
CA THR D 171 -5.43 48.43 -11.12
C THR D 171 -5.28 47.68 -12.44
N TYR D 172 -5.73 48.31 -13.51
CA TYR D 172 -5.60 47.76 -14.85
C TYR D 172 -4.40 48.38 -15.56
N SER D 173 -4.07 47.80 -16.71
CA SER D 173 -2.99 48.32 -17.54
C SER D 173 -3.36 48.15 -19.00
N MET D 174 -2.83 49.03 -19.85
CA MET D 174 -3.17 49.03 -21.27
C MET D 174 -1.94 49.36 -22.11
N SER D 175 -1.70 48.56 -23.14
CA SER D 175 -0.76 48.94 -24.19
C SER D 175 -1.53 49.52 -25.36
N SER D 176 -1.06 50.66 -25.87
CA SER D 176 -1.72 51.36 -26.97
C SER D 176 -0.66 51.62 -28.04
N THR D 177 -0.46 50.63 -28.91
CA THR D 177 0.65 50.59 -29.85
C THR D 177 0.16 50.84 -31.26
N LEU D 178 0.78 51.81 -31.94
CA LEU D 178 0.46 52.15 -33.32
C LEU D 178 1.59 51.71 -34.23
N THR D 179 1.38 50.62 -34.97
CA THR D 179 2.37 50.14 -35.93
C THR D 179 2.37 51.03 -37.16
N LEU D 180 3.54 51.59 -37.50
CA LEU D 180 3.69 52.49 -38.63
C LEU D 180 4.88 52.09 -39.49
N THR D 181 4.82 52.45 -40.76
CA THR D 181 5.95 52.31 -41.67
C THR D 181 6.85 53.52 -41.46
N LYS D 182 8.11 53.42 -41.89
CA LYS D 182 9.08 54.49 -41.70
C LYS D 182 8.68 55.76 -42.43
N ASP D 183 8.28 55.63 -43.71
CA ASP D 183 7.77 56.78 -44.43
C ASP D 183 6.41 57.22 -43.92
N GLU D 184 5.62 56.30 -43.37
CA GLU D 184 4.38 56.67 -42.71
C GLU D 184 4.66 57.42 -41.41
N TYR D 185 5.68 57.00 -40.67
CA TYR D 185 6.03 57.65 -39.41
C TYR D 185 6.63 59.04 -39.64
N GLU D 186 7.39 59.20 -40.72
CA GLU D 186 8.07 60.46 -41.03
C GLU D 186 7.21 61.45 -41.80
N ARG D 187 5.89 61.36 -41.68
CA ARG D 187 4.96 62.28 -42.32
C ARG D 187 4.19 63.12 -41.32
N HIS D 188 3.91 62.59 -40.14
CA HIS D 188 3.15 63.31 -39.13
C HIS D 188 4.07 63.81 -38.02
N ASN D 189 3.51 64.67 -37.17
CA ASN D 189 4.23 65.23 -36.04
C ASN D 189 3.49 64.99 -34.73
N SER D 190 2.20 65.30 -34.67
CA SER D 190 1.43 65.15 -33.44
C SER D 190 1.06 63.68 -33.23
N TYR D 191 1.44 63.15 -32.06
CA TYR D 191 1.28 61.74 -31.73
C TYR D 191 0.65 61.68 -30.35
N THR D 192 -0.69 61.67 -30.31
CA THR D 192 -1.44 61.94 -29.08
C THR D 192 -2.35 60.76 -28.75
N CYS D 193 -2.12 60.15 -27.59
CA CYS D 193 -3.08 59.26 -26.95
C CYS D 193 -3.80 60.04 -25.86
N GLU D 194 -5.12 59.93 -25.81
CA GLU D 194 -5.90 60.64 -24.82
C GLU D 194 -6.82 59.67 -24.09
N ALA D 195 -7.08 59.98 -22.82
CA ALA D 195 -7.78 59.05 -21.95
C ALA D 195 -9.27 59.37 -21.87
N THR D 196 -10.07 58.30 -21.80
CA THR D 196 -11.51 58.40 -21.59
C THR D 196 -11.80 57.73 -20.25
N HIS D 197 -11.67 58.50 -19.18
CA HIS D 197 -11.94 58.06 -17.83
C HIS D 197 -13.32 58.59 -17.43
N LYS D 198 -14.04 57.83 -16.60
CA LYS D 198 -15.41 58.22 -16.24
C LYS D 198 -15.46 59.43 -15.32
N THR D 199 -14.35 59.79 -14.68
CA THR D 199 -14.27 61.04 -13.94
C THR D 199 -13.64 62.16 -14.76
N SER D 200 -12.78 61.82 -15.71
CA SER D 200 -12.11 62.82 -16.54
C SER D 200 -13.08 63.32 -17.60
N THR D 201 -13.67 64.50 -17.34
CA THR D 201 -14.55 65.11 -18.33
C THR D 201 -13.77 65.56 -19.55
N SER D 202 -12.68 66.30 -19.34
CA SER D 202 -11.79 66.60 -20.45
C SER D 202 -10.74 65.50 -20.58
N PRO D 203 -10.42 65.08 -21.81
CA PRO D 203 -9.38 64.07 -21.99
C PRO D 203 -8.00 64.63 -21.71
N ILE D 204 -7.22 63.93 -20.88
CA ILE D 204 -5.88 64.36 -20.54
C ILE D 204 -4.99 64.15 -21.77
N VAL D 205 -4.47 65.24 -22.31
CA VAL D 205 -3.66 65.23 -23.51
C VAL D 205 -2.20 65.20 -23.08
N LYS D 206 -1.56 64.04 -23.25
CA LYS D 206 -0.14 63.87 -23.03
C LYS D 206 0.46 63.27 -24.29
N SER D 207 1.23 64.09 -25.02
CA SER D 207 1.72 63.72 -26.34
C SER D 207 3.22 63.93 -26.41
N PHE D 208 3.78 63.55 -27.54
CA PHE D 208 5.17 63.81 -27.87
C PHE D 208 5.23 64.24 -29.33
N ASN D 209 6.44 64.43 -29.84
CA ASN D 209 6.64 64.81 -31.23
C ASN D 209 7.74 63.97 -31.86
N ARG D 210 7.73 63.93 -33.19
CA ARG D 210 8.81 63.30 -33.94
C ARG D 210 9.93 64.28 -34.22
N ASN D 211 9.58 65.50 -34.64
CA ASN D 211 10.59 66.51 -34.97
C ASN D 211 11.31 67.04 -33.73
N GLU D 212 10.72 66.87 -32.55
CA GLU D 212 11.37 67.27 -31.31
C GLU D 212 12.49 66.30 -30.97
N CYS D 213 13.65 66.87 -30.61
CA CYS D 213 14.88 66.15 -30.28
C CYS D 213 15.34 65.19 -31.40
N GLU E 1 1.17 15.20 -2.65
CA GLU E 1 0.26 16.02 -3.45
C GLU E 1 0.26 15.56 -4.91
N VAL E 2 -0.94 15.56 -5.50
CA VAL E 2 -1.13 15.10 -6.86
C VAL E 2 -0.49 16.07 -7.84
N LYS E 3 0.33 15.53 -8.75
CA LYS E 3 0.93 16.30 -9.85
C LYS E 3 0.65 15.53 -11.14
N LEU E 4 -0.39 15.95 -11.86
CA LEU E 4 -0.69 15.41 -13.19
C LEU E 4 0.02 16.28 -14.23
N VAL E 5 1.31 16.06 -14.40
CA VAL E 5 2.16 16.94 -15.19
C VAL E 5 2.11 16.49 -16.65
N GLU E 6 1.69 17.39 -17.54
CA GLU E 6 1.70 17.08 -18.96
C GLU E 6 3.12 17.09 -19.52
N SER E 7 3.26 16.57 -20.73
CA SER E 7 4.50 16.64 -21.48
C SER E 7 4.17 16.50 -22.96
N GLY E 8 4.93 17.22 -23.77
CA GLY E 8 4.75 17.20 -25.21
C GLY E 8 4.34 18.55 -25.77
N GLY E 9 3.70 18.50 -26.93
CA GLY E 9 3.29 19.69 -27.63
C GLY E 9 4.43 20.33 -28.40
N GLY E 10 4.08 21.40 -29.12
CA GLY E 10 5.08 22.13 -29.89
C GLY E 10 4.55 22.79 -31.14
N LEU E 11 5.26 22.61 -32.26
CA LEU E 11 4.88 23.22 -33.53
C LEU E 11 4.79 22.13 -34.58
N VAL E 12 3.56 21.80 -35.00
CA VAL E 12 3.31 20.80 -36.03
C VAL E 12 2.59 21.48 -37.17
N LYS E 13 3.10 21.29 -38.39
CA LYS E 13 2.48 21.82 -39.59
C LYS E 13 1.10 21.17 -39.80
N PRO E 14 0.15 21.89 -40.40
CA PRO E 14 -1.19 21.30 -40.62
C PRO E 14 -1.14 20.16 -41.62
N GLY E 15 -1.68 19.02 -41.20
CA GLY E 15 -1.52 17.77 -41.90
C GLY E 15 -0.58 16.80 -41.22
N GLY E 16 0.09 17.23 -40.16
CA GLY E 16 1.02 16.39 -39.44
C GLY E 16 0.37 15.61 -38.31
N SER E 17 1.20 15.21 -37.35
CA SER E 17 0.74 14.37 -36.26
C SER E 17 1.50 14.74 -35.00
N LEU E 18 0.95 14.30 -33.86
CA LEU E 18 1.56 14.54 -32.56
C LEU E 18 1.02 13.52 -31.57
N LYS E 19 1.86 13.09 -30.64
CA LYS E 19 1.47 12.21 -29.55
C LYS E 19 1.72 12.92 -28.22
N LEU E 20 0.64 13.20 -27.50
CA LEU E 20 0.73 13.91 -26.23
C LEU E 20 0.94 12.93 -25.08
N SER E 21 1.20 13.48 -23.89
CA SER E 21 1.42 12.66 -22.70
C SER E 21 1.18 13.50 -21.46
N CYS E 22 0.89 12.80 -20.36
CA CYS E 22 0.70 13.43 -19.06
C CYS E 22 1.23 12.48 -17.99
N ALA E 23 2.29 12.89 -17.31
CA ALA E 23 2.82 12.14 -16.18
C ALA E 23 1.87 12.25 -14.99
N ALA E 24 1.97 11.29 -14.08
CA ALA E 24 1.04 11.20 -12.96
C ALA E 24 1.77 10.74 -11.70
N SER E 25 1.36 11.28 -10.56
CA SER E 25 1.96 10.93 -9.28
C SER E 25 0.92 11.09 -8.18
N ALA E 26 1.31 10.63 -6.98
CA ALA E 26 0.61 10.61 -5.70
C ALA E 26 -0.59 9.67 -5.65
N PHE E 27 -0.92 8.98 -6.74
CA PHE E 27 -2.01 8.00 -6.75
C PHE E 27 -1.81 7.08 -7.94
N THR E 28 -2.50 5.94 -7.91
CA THR E 28 -2.51 5.03 -9.05
C THR E 28 -3.62 5.45 -10.01
N ILE E 29 -3.28 5.68 -11.28
CA ILE E 29 -4.29 6.03 -12.28
C ILE E 29 -5.05 4.83 -12.80
N THR E 30 -4.77 3.62 -12.30
CA THR E 30 -5.40 2.41 -12.78
C THR E 30 -6.90 2.39 -12.53
N THR E 31 -7.38 3.13 -11.53
CA THR E 31 -8.81 3.24 -11.32
C THR E 31 -9.44 4.32 -12.20
N TYR E 32 -9.07 5.58 -11.98
CA TYR E 32 -9.81 6.69 -12.56
C TYR E 32 -9.53 6.82 -14.05
N GLY E 33 -10.57 7.01 -14.84
CA GLY E 33 -10.38 7.31 -16.25
C GLY E 33 -9.93 8.74 -16.46
N MET E 34 -9.07 8.94 -17.45
CA MET E 34 -8.44 10.23 -17.70
C MET E 34 -9.04 10.90 -18.91
N SER E 35 -8.72 12.18 -19.08
CA SER E 35 -9.36 12.98 -20.10
C SER E 35 -8.41 14.08 -20.58
N TRP E 36 -8.52 14.44 -21.86
CA TRP E 36 -7.80 15.57 -22.44
C TRP E 36 -8.79 16.70 -22.67
N VAL E 37 -8.55 17.84 -22.04
CA VAL E 37 -9.42 19.01 -22.15
C VAL E 37 -8.65 20.12 -22.86
N ARG E 38 -9.17 20.57 -23.99
CA ARG E 38 -8.46 21.46 -24.89
C ARG E 38 -8.94 22.90 -24.66
N GLN E 39 -7.99 23.82 -24.42
CA GLN E 39 -8.28 25.23 -24.17
C GLN E 39 -7.97 26.05 -25.42
N THR E 40 -9.00 26.52 -26.09
CA THR E 40 -8.82 27.46 -27.18
C THR E 40 -8.40 28.82 -26.61
N PRO E 41 -7.63 29.61 -27.38
CA PRO E 41 -7.25 30.95 -26.88
C PRO E 41 -8.40 31.94 -26.78
N GLU E 42 -9.58 31.63 -27.33
CA GLU E 42 -10.77 32.44 -27.13
C GLU E 42 -11.58 32.00 -25.91
N LYS E 43 -10.94 31.34 -24.94
CA LYS E 43 -11.50 30.90 -23.66
C LYS E 43 -12.68 29.96 -23.80
N ARG E 44 -12.68 29.11 -24.83
CA ARG E 44 -13.74 28.13 -25.03
C ARG E 44 -13.12 26.73 -24.91
N LEU E 45 -13.25 26.14 -23.73
CA LEU E 45 -12.76 24.79 -23.50
C LEU E 45 -13.59 23.78 -24.28
N GLU E 46 -13.01 22.60 -24.46
CA GLU E 46 -13.71 21.52 -25.16
C GLU E 46 -13.26 20.18 -24.59
N TRP E 47 -14.23 19.31 -24.35
CA TRP E 47 -14.03 17.95 -23.85
C TRP E 47 -13.90 17.05 -25.07
N VAL E 48 -12.69 16.58 -25.35
CA VAL E 48 -12.43 15.87 -26.61
C VAL E 48 -12.13 14.38 -26.44
N ALA E 49 -11.71 13.93 -25.26
CA ALA E 49 -11.28 12.54 -25.15
C ALA E 49 -11.45 12.05 -23.70
N THR E 50 -11.81 10.76 -23.58
CA THR E 50 -11.92 10.07 -22.29
C THR E 50 -11.95 8.56 -22.55
N ILE E 51 -10.99 7.85 -21.97
CA ILE E 51 -10.95 6.39 -21.99
C ILE E 51 -10.92 5.91 -20.54
N THR E 52 -11.57 4.77 -20.27
CA THR E 52 -11.76 4.26 -18.92
C THR E 52 -10.54 3.54 -18.37
N ALA E 53 -10.74 2.77 -17.30
CA ALA E 53 -9.64 2.11 -16.57
C ALA E 53 -8.91 1.11 -17.46
N GLY E 54 -9.66 0.28 -18.18
CA GLY E 54 -9.08 -0.51 -19.24
C GLY E 54 -9.05 0.27 -20.55
N GLY E 55 -8.39 -0.31 -21.54
CA GLY E 55 -8.29 0.33 -22.84
C GLY E 55 -9.36 -0.10 -23.82
N SER E 56 -10.63 -0.13 -23.37
CA SER E 56 -11.73 -0.59 -24.21
C SER E 56 -12.75 0.50 -24.52
N TYR E 57 -13.31 1.15 -23.50
CA TYR E 57 -14.40 2.11 -23.68
C TYR E 57 -13.79 3.47 -23.99
N THR E 58 -14.02 3.96 -25.20
CA THR E 58 -13.67 5.31 -25.58
C THR E 58 -14.95 6.09 -25.86
N TYR E 59 -15.00 7.32 -25.38
CA TYR E 59 -16.17 8.19 -25.53
C TYR E 59 -15.74 9.40 -26.35
N TYR E 60 -15.93 9.31 -27.68
CA TYR E 60 -15.53 10.35 -28.61
C TYR E 60 -16.72 11.24 -28.98
N PRO E 61 -16.53 12.58 -28.93
CA PRO E 61 -17.59 13.49 -29.38
C PRO E 61 -17.67 13.58 -30.89
N ASP E 62 -18.48 14.51 -31.37
CA ASP E 62 -18.75 14.60 -32.80
C ASP E 62 -17.55 15.17 -33.57
N SER E 63 -16.73 15.98 -32.89
CA SER E 63 -15.69 16.74 -33.59
C SER E 63 -14.46 15.90 -33.91
N VAL E 64 -13.87 15.26 -32.88
CA VAL E 64 -12.62 14.53 -33.07
C VAL E 64 -12.86 13.08 -33.50
N LYS E 65 -14.09 12.72 -33.82
CA LYS E 65 -14.44 11.36 -34.17
C LYS E 65 -13.80 10.98 -35.50
N GLY E 66 -12.72 10.20 -35.43
CA GLY E 66 -11.95 9.83 -36.59
C GLY E 66 -10.68 10.60 -36.81
N ARG E 67 -10.41 11.63 -36.02
CA ARG E 67 -9.16 12.38 -36.13
C ARG E 67 -8.09 11.88 -35.17
N PHE E 68 -8.38 11.82 -33.88
CA PHE E 68 -7.35 11.61 -32.86
C PHE E 68 -7.47 10.20 -32.29
N THR E 69 -6.60 9.88 -31.34
CA THR E 69 -6.60 8.57 -30.70
C THR E 69 -6.02 8.69 -29.30
N ILE E 70 -6.79 8.29 -28.29
CA ILE E 70 -6.34 8.29 -26.91
C ILE E 70 -5.84 6.90 -26.54
N SER E 71 -4.79 6.86 -25.72
CA SER E 71 -4.23 5.59 -25.27
C SER E 71 -3.71 5.77 -23.84
N ARG E 72 -3.64 4.66 -23.10
CA ARG E 72 -3.14 4.66 -21.73
C ARG E 72 -2.26 3.45 -21.48
N ASP E 73 -1.49 3.51 -20.40
CA ASP E 73 -0.73 2.38 -19.89
C ASP E 73 -0.85 2.41 -18.37
N ASN E 74 -1.42 1.34 -17.80
CA ASN E 74 -1.68 1.31 -16.36
C ASN E 74 -0.42 1.05 -15.55
N ALA E 75 0.59 0.41 -16.15
CA ALA E 75 1.83 0.15 -15.41
C ALA E 75 2.74 1.37 -15.37
N LYS E 76 2.89 2.07 -16.50
CA LYS E 76 3.75 3.25 -16.55
C LYS E 76 3.12 4.48 -15.91
N ASN E 77 1.79 4.48 -15.73
CA ASN E 77 1.02 5.55 -15.09
C ASN E 77 1.19 6.89 -15.81
N THR E 78 1.18 6.84 -17.15
CA THR E 78 1.22 8.03 -17.99
C THR E 78 0.02 8.03 -18.92
N LEU E 79 -0.04 9.02 -19.80
CA LEU E 79 -1.11 9.15 -20.77
C LEU E 79 -0.56 9.24 -22.18
N TYR E 80 -1.44 9.03 -23.16
CA TYR E 80 -1.08 9.12 -24.57
C TYR E 80 -2.28 9.64 -25.36
N LEU E 81 -2.04 10.61 -26.23
CA LEU E 81 -3.05 11.08 -27.17
C LEU E 81 -2.41 11.17 -28.55
N GLN E 82 -2.56 10.11 -29.34
CA GLN E 82 -2.04 10.10 -30.70
C GLN E 82 -2.96 10.90 -31.60
N MET E 83 -2.49 12.05 -32.06
CA MET E 83 -3.28 12.94 -32.90
C MET E 83 -2.80 12.83 -34.34
N SER E 84 -3.71 13.13 -35.27
CA SER E 84 -3.39 13.14 -36.69
C SER E 84 -4.39 14.04 -37.40
N SER E 85 -4.03 14.41 -38.63
CA SER E 85 -4.81 15.31 -39.49
C SER E 85 -5.09 16.65 -38.81
N LEU E 86 -4.02 17.31 -38.38
CA LEU E 86 -4.16 18.54 -37.63
C LEU E 86 -4.51 19.72 -38.55
N ARG E 87 -5.21 20.70 -37.98
CA ARG E 87 -5.59 21.90 -38.71
C ARG E 87 -5.67 23.05 -37.72
N SER E 88 -6.09 24.22 -38.22
CA SER E 88 -6.09 25.44 -37.43
C SER E 88 -7.18 25.48 -36.36
N GLY E 89 -8.20 24.63 -36.47
CA GLY E 89 -9.24 24.60 -35.45
C GLY E 89 -8.81 23.91 -34.18
N ASP E 90 -7.73 23.13 -34.25
CA ASP E 90 -7.17 22.47 -33.08
C ASP E 90 -5.88 23.13 -32.60
N THR E 91 -5.61 24.35 -33.06
CA THR E 91 -4.47 25.16 -32.59
C THR E 91 -4.83 25.71 -31.22
N ALA E 92 -4.50 24.98 -30.16
CA ALA E 92 -5.02 25.31 -28.84
C ALA E 92 -4.18 24.64 -27.76
N MET E 93 -4.42 25.07 -26.52
CA MET E 93 -3.75 24.56 -25.33
C MET E 93 -4.42 23.26 -24.87
N TYR E 94 -3.59 22.32 -24.40
CA TYR E 94 -4.07 21.01 -23.98
C TYR E 94 -3.88 20.83 -22.48
N TYR E 95 -4.75 19.98 -21.90
CA TYR E 95 -4.72 19.68 -20.47
C TYR E 95 -5.12 18.24 -20.23
N CYS E 96 -4.29 17.50 -19.50
CA CYS E 96 -4.71 16.20 -19.00
C CYS E 96 -5.61 16.39 -17.77
N ALA E 97 -6.63 15.56 -17.67
CA ALA E 97 -7.68 15.76 -16.67
C ALA E 97 -8.07 14.42 -16.06
N ARG E 98 -8.24 14.38 -14.75
CA ARG E 98 -8.72 13.17 -14.09
C ARG E 98 -10.23 13.26 -13.87
N LYS E 99 -10.93 12.22 -14.30
CA LYS E 99 -12.38 12.13 -14.14
C LYS E 99 -12.70 11.27 -12.92
N VAL E 100 -13.53 11.79 -12.02
CA VAL E 100 -13.98 11.00 -10.89
C VAL E 100 -15.50 10.87 -10.98
N THR E 101 -16.08 10.07 -10.10
CA THR E 101 -17.48 9.64 -10.24
C THR E 101 -18.31 10.28 -9.14
N SER E 102 -19.38 10.98 -9.55
CA SER E 102 -20.35 11.53 -8.61
C SER E 102 -21.62 10.69 -8.64
N VAL E 103 -22.67 11.14 -7.94
CA VAL E 103 -23.84 10.30 -7.68
C VAL E 103 -24.77 10.13 -8.90
N ALA E 104 -24.79 11.09 -9.81
CA ALA E 104 -25.61 10.99 -11.02
C ALA E 104 -24.88 11.39 -12.29
N GLU E 105 -23.80 12.17 -12.20
CA GLU E 105 -22.97 12.57 -13.31
C GLU E 105 -21.53 12.29 -12.92
N TYR E 106 -20.58 12.75 -13.74
CA TYR E 106 -19.17 12.62 -13.41
C TYR E 106 -18.57 14.00 -13.16
N TYR E 107 -17.30 14.02 -12.75
CA TYR E 107 -16.70 15.27 -12.31
C TYR E 107 -15.19 15.20 -12.46
N PHE E 108 -14.59 16.38 -12.73
CA PHE E 108 -13.14 16.54 -12.83
C PHE E 108 -12.58 17.08 -11.52
N ASP E 109 -11.53 16.44 -11.02
CA ASP E 109 -10.87 16.91 -9.81
C ASP E 109 -9.60 17.71 -10.08
N TYR E 110 -8.60 17.09 -10.69
CA TYR E 110 -7.24 17.63 -10.72
C TYR E 110 -6.80 17.78 -12.17
N TRP E 111 -6.29 18.97 -12.52
CA TRP E 111 -5.83 19.25 -13.87
C TRP E 111 -4.35 19.59 -13.87
N GLY E 112 -3.76 19.66 -15.06
CA GLY E 112 -2.34 19.86 -15.20
C GLY E 112 -1.96 21.27 -15.60
N GLN E 113 -0.67 21.44 -15.94
CA GLN E 113 -0.13 22.75 -16.26
C GLN E 113 -0.45 23.17 -17.69
N GLY E 114 -0.28 22.28 -18.66
CA GLY E 114 -0.62 22.61 -20.03
C GLY E 114 0.53 22.64 -21.01
N THR E 115 0.34 22.01 -22.16
CA THR E 115 1.30 22.00 -23.25
C THR E 115 0.72 22.72 -24.47
N THR E 116 1.60 23.48 -25.14
CA THR E 116 1.22 24.33 -26.26
C THR E 116 1.47 23.62 -27.58
N LEU E 117 0.41 23.41 -28.35
CA LEU E 117 0.52 22.98 -29.75
C LEU E 117 -0.07 24.06 -30.63
N THR E 118 0.79 24.66 -31.46
CA THR E 118 0.37 25.66 -32.44
C THR E 118 0.41 25.00 -33.82
N VAL E 119 -0.76 24.75 -34.39
CA VAL E 119 -0.86 24.09 -35.69
C VAL E 119 -0.90 25.19 -36.74
N SER E 120 0.27 25.60 -37.19
CA SER E 120 0.43 26.58 -38.26
C SER E 120 1.83 26.40 -38.83
N SER E 121 1.99 26.77 -40.09
CA SER E 121 3.30 26.58 -40.70
C SER E 121 3.95 27.85 -41.25
N PRO E 122 4.33 28.85 -40.41
CA PRO E 122 5.39 29.76 -40.85
C PRO E 122 6.75 29.25 -40.40
N LYS E 123 7.80 30.02 -40.66
CA LYS E 123 9.12 29.65 -40.15
C LYS E 123 9.24 30.03 -38.67
N THR E 124 10.18 29.38 -38.00
CA THR E 124 10.49 29.75 -36.62
C THR E 124 11.29 31.04 -36.60
N THR E 125 10.81 32.02 -35.85
CA THR E 125 11.36 33.37 -35.89
C THR E 125 11.88 33.77 -34.51
N PRO E 126 13.17 34.13 -34.39
CA PRO E 126 13.67 34.63 -33.11
C PRO E 126 13.21 36.06 -32.88
N PRO E 127 12.98 36.46 -31.63
CA PRO E 127 12.43 37.79 -31.36
C PRO E 127 13.47 38.91 -31.53
N SER E 128 12.96 40.06 -31.94
CA SER E 128 13.76 41.27 -32.12
C SER E 128 13.32 42.30 -31.10
N VAL E 129 14.27 42.78 -30.29
CA VAL E 129 13.98 43.58 -29.10
C VAL E 129 14.52 44.99 -29.30
N TYR E 130 13.65 45.98 -29.13
CA TYR E 130 13.96 47.39 -29.35
C TYR E 130 13.64 48.18 -28.08
N PRO E 131 14.58 48.98 -27.56
CA PRO E 131 14.29 49.78 -26.37
C PRO E 131 13.33 50.92 -26.68
N LEU E 132 12.72 51.46 -25.62
CA LEU E 132 11.78 52.58 -25.74
C LEU E 132 12.23 53.70 -24.82
N ALA E 133 12.54 54.87 -25.40
CA ALA E 133 13.07 56.00 -24.66
C ALA E 133 12.34 57.30 -25.02
N PRO E 134 12.13 58.21 -24.07
CA PRO E 134 11.47 59.47 -24.39
C PRO E 134 12.33 60.39 -25.22
N ALA E 135 11.66 61.31 -25.92
CA ALA E 135 12.34 62.31 -26.73
C ALA E 135 12.88 63.44 -25.85
N ALA E 140 11.56 63.89 -15.70
CA ALA E 140 10.27 64.55 -15.59
C ALA E 140 9.71 64.43 -14.18
N ALA E 141 9.15 63.26 -13.88
CA ALA E 141 8.57 62.96 -12.58
C ALA E 141 9.39 61.89 -11.88
N SER E 142 8.90 61.46 -10.72
CA SER E 142 9.57 60.43 -9.92
C SER E 142 9.14 59.02 -10.29
N MET E 143 8.47 58.83 -11.43
CA MET E 143 8.00 57.51 -11.85
C MET E 143 7.91 57.51 -13.37
N VAL E 144 8.86 56.87 -14.04
CA VAL E 144 8.92 56.81 -15.50
C VAL E 144 8.87 55.34 -15.92
N THR E 145 7.80 54.96 -16.58
CA THR E 145 7.68 53.60 -17.10
C THR E 145 8.45 53.47 -18.41
N LEU E 146 9.48 52.60 -18.41
CA LEU E 146 10.28 52.29 -19.58
C LEU E 146 9.69 51.09 -20.30
N GLY E 147 10.41 50.60 -21.31
CA GLY E 147 9.97 49.40 -21.99
C GLY E 147 10.94 48.97 -23.08
N CYS E 148 10.83 47.68 -23.42
CA CYS E 148 11.47 47.08 -24.58
C CYS E 148 10.40 46.58 -25.55
N LEU E 149 10.69 46.68 -26.85
CA LEU E 149 9.74 46.30 -27.89
C LEU E 149 10.17 44.94 -28.45
N VAL E 150 9.67 43.87 -27.84
CA VAL E 150 9.96 42.51 -28.30
C VAL E 150 9.01 42.24 -29.46
N LYS E 151 9.53 42.42 -30.67
CA LYS E 151 8.73 42.33 -31.88
C LYS E 151 9.23 41.15 -32.73
N GLY E 152 8.31 40.47 -33.40
CA GLY E 152 8.68 39.48 -34.39
C GLY E 152 9.15 38.12 -33.91
N TYR E 153 8.26 37.32 -33.34
CA TYR E 153 8.56 35.93 -33.06
C TYR E 153 7.28 35.11 -33.20
N PHE E 154 7.36 33.98 -33.91
CA PHE E 154 6.20 33.08 -33.98
C PHE E 154 6.04 32.08 -32.82
N PRO E 155 7.07 31.40 -32.30
CA PRO E 155 6.79 30.48 -31.18
C PRO E 155 6.44 31.22 -29.90
N GLU E 156 5.28 30.88 -29.35
CA GLU E 156 4.65 31.63 -28.25
C GLU E 156 5.45 31.73 -26.95
N PRO E 157 6.09 30.68 -26.40
CA PRO E 157 6.82 30.89 -25.13
C PRO E 157 8.06 31.75 -25.31
N VAL E 158 8.14 32.81 -24.51
CA VAL E 158 9.26 33.74 -24.47
C VAL E 158 9.26 34.35 -23.08
N THR E 159 10.40 34.88 -22.64
CA THR E 159 10.51 35.42 -21.29
C THR E 159 11.41 36.64 -21.31
N VAL E 160 10.87 37.78 -20.90
CA VAL E 160 11.62 39.02 -20.72
C VAL E 160 11.99 39.12 -19.24
N THR E 161 13.27 39.33 -18.96
CA THR E 161 13.78 39.34 -17.59
C THR E 161 14.46 40.68 -17.33
N TRP E 162 14.06 41.35 -16.26
CA TRP E 162 14.53 42.70 -15.94
C TRP E 162 15.48 42.64 -14.75
N ASN E 163 16.79 42.64 -15.04
CA ASN E 163 17.88 42.61 -14.05
C ASN E 163 17.75 41.40 -13.12
N SER E 164 17.70 40.22 -13.73
CA SER E 164 17.43 38.93 -13.07
C SER E 164 16.09 38.95 -12.34
N GLY E 165 15.11 39.66 -12.90
CA GLY E 165 13.77 39.71 -12.34
C GLY E 165 13.65 40.48 -11.04
N SER E 166 14.53 41.45 -10.80
CA SER E 166 14.58 42.15 -9.53
C SER E 166 13.72 43.40 -9.49
N LEU E 167 13.15 43.82 -10.62
CA LEU E 167 12.36 45.05 -10.69
C LEU E 167 10.86 44.77 -10.72
N SER E 168 10.43 43.58 -10.27
CA SER E 168 9.08 43.00 -10.40
C SER E 168 7.97 43.81 -9.71
N SER E 169 8.22 44.90 -8.99
CA SER E 169 7.12 45.70 -8.44
C SER E 169 6.42 46.48 -9.54
N GLY E 170 7.16 46.92 -10.54
CA GLY E 170 6.61 47.66 -11.65
C GLY E 170 6.76 47.04 -13.02
N VAL E 171 7.21 45.79 -13.11
CA VAL E 171 7.28 45.11 -14.41
C VAL E 171 5.87 44.79 -14.88
N HIS E 172 5.44 45.48 -15.95
CA HIS E 172 4.15 45.23 -16.58
C HIS E 172 4.42 44.49 -17.88
N THR E 173 4.55 43.16 -17.78
CA THR E 173 4.79 42.33 -18.94
C THR E 173 3.50 42.20 -19.74
N PHE E 174 3.44 42.87 -20.87
CA PHE E 174 2.24 42.86 -21.70
C PHE E 174 2.24 41.62 -22.59
N PRO E 175 1.09 40.98 -22.77
CA PRO E 175 1.04 39.72 -23.52
C PRO E 175 1.27 39.92 -25.01
N ALA E 176 1.52 38.80 -25.69
CA ALA E 176 1.82 38.82 -27.11
C ALA E 176 0.54 39.01 -27.93
N VAL E 177 0.67 39.77 -29.02
CA VAL E 177 -0.44 40.03 -29.94
C VAL E 177 0.01 39.60 -31.32
N LEU E 178 -0.75 38.70 -31.94
CA LEU E 178 -0.42 38.23 -33.29
C LEU E 178 -0.71 39.32 -34.32
N GLN E 179 0.31 39.69 -35.09
CA GLN E 179 0.17 40.76 -36.08
C GLN E 179 1.19 40.53 -37.19
N SER E 180 0.70 40.37 -38.42
CA SER E 180 1.51 40.16 -39.64
C SER E 180 2.42 38.94 -39.49
N ASP E 181 1.80 37.79 -39.18
CA ASP E 181 2.44 36.48 -39.04
C ASP E 181 3.52 36.49 -37.94
N LEU E 182 3.34 37.36 -36.94
CA LEU E 182 4.32 37.57 -35.88
C LEU E 182 3.59 37.89 -34.59
N TYR E 183 3.88 37.13 -33.54
CA TYR E 183 3.40 37.47 -32.20
C TYR E 183 4.29 38.57 -31.62
N THR E 184 3.68 39.70 -31.29
CA THR E 184 4.42 40.90 -30.89
C THR E 184 3.86 41.44 -29.59
N LEU E 185 4.74 41.65 -28.61
CA LEU E 185 4.39 42.33 -27.37
C LEU E 185 5.29 43.55 -27.21
N SER E 186 5.12 44.24 -26.07
CA SER E 186 6.00 45.33 -25.67
C SER E 186 6.14 45.24 -24.16
N SER E 187 7.18 44.53 -23.71
CA SER E 187 7.44 44.41 -22.28
C SER E 187 7.88 45.73 -21.70
N SER E 188 7.43 46.02 -20.48
CA SER E 188 7.62 47.34 -19.88
C SER E 188 8.00 47.20 -18.42
N VAL E 189 8.80 48.16 -17.94
CA VAL E 189 9.25 48.20 -16.56
C VAL E 189 9.00 49.61 -16.02
N THR E 190 8.71 49.69 -14.73
CA THR E 190 8.49 50.97 -14.04
C THR E 190 9.69 51.20 -13.12
N VAL E 191 10.58 52.09 -13.54
CA VAL E 191 11.83 52.35 -12.84
C VAL E 191 11.85 53.83 -12.46
N PRO E 192 12.10 54.18 -11.20
CA PRO E 192 12.07 55.58 -10.79
C PRO E 192 13.25 56.38 -11.33
N SER E 193 13.17 57.70 -11.12
CA SER E 193 14.17 58.62 -11.64
C SER E 193 15.50 58.57 -10.88
N SER E 194 15.50 58.02 -9.67
CA SER E 194 16.76 57.87 -8.95
C SER E 194 17.60 56.74 -9.53
N THR E 195 16.95 55.72 -10.10
CA THR E 195 17.67 54.57 -10.66
C THR E 195 17.98 54.79 -12.13
N TRP E 196 16.99 55.27 -12.90
CA TRP E 196 17.16 55.55 -14.31
C TRP E 196 17.22 57.06 -14.53
N PRO E 197 18.16 57.58 -15.34
CA PRO E 197 19.22 56.87 -16.06
C PRO E 197 20.55 56.85 -15.32
N SER E 198 20.53 56.50 -14.03
CA SER E 198 21.74 56.43 -13.24
C SER E 198 22.28 55.01 -13.06
N GLU E 199 21.42 54.01 -13.11
CA GLU E 199 21.81 52.61 -12.92
C GLU E 199 21.40 51.79 -14.14
N THR E 200 21.56 50.48 -14.03
CA THR E 200 21.38 49.57 -15.16
C THR E 200 19.98 48.97 -15.13
N VAL E 201 19.23 49.20 -16.21
CA VAL E 201 17.92 48.58 -16.42
C VAL E 201 17.98 47.90 -17.80
N THR E 202 18.15 46.59 -17.81
CA THR E 202 18.38 45.83 -19.03
C THR E 202 17.38 44.69 -19.12
N CYS E 203 16.69 44.58 -20.26
CA CYS E 203 15.72 43.51 -20.48
C CYS E 203 16.44 42.29 -21.07
N ASN E 204 16.44 41.20 -20.30
CA ASN E 204 16.97 39.91 -20.76
C ASN E 204 15.81 39.14 -21.37
N VAL E 205 15.73 39.16 -22.69
CA VAL E 205 14.65 38.51 -23.40
C VAL E 205 15.12 37.12 -23.83
N ALA E 206 14.56 36.09 -23.20
CA ALA E 206 14.94 34.70 -23.44
C ALA E 206 13.79 33.97 -24.12
N HIS E 207 14.12 33.16 -25.13
CA HIS E 207 13.14 32.44 -25.92
C HIS E 207 13.55 30.97 -25.98
N PRO E 208 12.77 30.05 -25.39
CA PRO E 208 13.23 28.66 -25.24
C PRO E 208 13.16 27.83 -26.51
N ALA E 209 12.16 28.09 -27.36
CA ALA E 209 11.93 27.25 -28.53
C ALA E 209 12.99 27.48 -29.60
N SER E 210 13.24 28.73 -29.95
CA SER E 210 14.28 29.07 -30.93
C SER E 210 15.66 29.19 -30.30
N SER E 211 15.76 29.06 -28.97
CA SER E 211 17.02 29.05 -28.21
C SER E 211 17.82 30.34 -28.40
N THR E 212 17.17 31.48 -28.12
CA THR E 212 17.79 32.78 -28.24
C THR E 212 17.66 33.54 -26.93
N LYS E 213 18.67 34.36 -26.65
CA LYS E 213 18.68 35.23 -25.47
C LYS E 213 19.14 36.62 -25.89
N VAL E 214 18.30 37.63 -25.67
CA VAL E 214 18.56 38.99 -26.11
C VAL E 214 18.64 39.90 -24.90
N ASP E 215 19.70 40.71 -24.84
CA ASP E 215 19.90 41.68 -23.77
C ASP E 215 19.89 43.08 -24.37
N LYS E 216 18.91 43.89 -23.95
CA LYS E 216 18.80 45.27 -24.40
C LYS E 216 18.58 46.18 -23.21
N LYS E 217 19.26 47.34 -23.23
CA LYS E 217 19.20 48.31 -22.15
C LYS E 217 18.58 49.59 -22.67
N ILE E 218 17.66 50.18 -21.91
CA ILE E 218 17.06 51.45 -22.28
C ILE E 218 18.01 52.58 -21.85
N VAL E 219 18.48 53.35 -22.81
CA VAL E 219 19.22 54.58 -22.53
C VAL E 219 18.42 55.73 -23.15
N PRO E 220 18.44 56.92 -22.57
CA PRO E 220 17.74 58.06 -23.19
C PRO E 220 18.48 58.55 -24.43
N ARG E 221 17.73 58.70 -25.52
CA ARG E 221 18.30 59.15 -26.79
C ARG E 221 18.59 60.64 -26.77
#